data_4UBV
#
_entry.id   4UBV
#
_cell.length_a   124.680
_cell.length_b   124.680
_cell.length_c   124.710
_cell.angle_alpha   90.00
_cell.angle_beta   90.00
_cell.angle_gamma   90.00
#
_symmetry.space_group_name_H-M   'P 43 21 2'
#
loop_
_entity.id
_entity.type
_entity.pdbx_description
1 polymer 'Acetyl-CoA acetyltransferase FadA5'
2 non-polymer 'ACETYL COENZYME *A'
3 non-polymer 'COENZYME A'
4 non-polymer 'SULFATE ION'
5 non-polymer '1,4-DIETHYLENE DIOXIDE'
6 non-polymer GLYCEROL
7 water water
#
_entity_poly.entity_id   1
_entity_poly.type   'polypeptide(L)'
_entity_poly.pdbx_seq_one_letter_code
;HHHHHHGSMGYPVIVEATRSPIGKRNGWLSGLHATELLGAVQKAVVDKAGIQSGLHAGDVEQVIGGCVTQFGEQSNNISR
VAWLTAGLPEHVGATTVDCQCGSGQQANHLIAGLIAAGAIDVGIACGIEAMSRVGLGANAGPDRSLIRAQSWDIDLPNQF
EAAERIAKRRGITREDVDVFGLESQRRAQRAWAEGRFDREISPIQAPVLDEQNQPTGERRLVFRDQGLRETTMAGLGELK
PVLEGGIHTAGTSSQISDGAAAVLWMDEAVARAHGLTPRARIVAQALVGAEPYYHLDGPVQSTAKVLEKAGMKIGDIDIV
EINEAFASVVLSWARVHEPDMDRVNVNGGAIALGHPVGCTGSRLITTALHELERTDQSLALITMCAGGALSTGTIIERI
;
_entity_poly.pdbx_strand_id   A,B
#
loop_
_chem_comp.id
_chem_comp.type
_chem_comp.name
_chem_comp.formula
ACO non-polymer 'ACETYL COENZYME *A' 'C23 H38 N7 O17 P3 S'
COA non-polymer 'COENZYME A' 'C21 H36 N7 O16 P3 S'
DIO non-polymer '1,4-DIETHYLENE DIOXIDE' 'C4 H8 O2'
GOL non-polymer GLYCEROL 'C3 H8 O3'
SO4 non-polymer 'SULFATE ION' 'O4 S -2'
#
# COMPACT_ATOMS: atom_id res chain seq x y z
N MET A 9 9.59 0.00 -21.05
CA MET A 9 10.31 -1.30 -20.92
C MET A 9 9.36 -2.48 -20.96
N GLY A 10 8.67 -2.74 -19.84
CA GLY A 10 8.18 -4.09 -19.58
C GLY A 10 6.78 -4.34 -20.10
N TYR A 11 6.45 -5.60 -20.33
CA TYR A 11 5.08 -5.96 -20.72
C TYR A 11 4.55 -6.98 -19.75
N PRO A 12 3.86 -6.53 -18.70
CA PRO A 12 3.44 -7.41 -17.62
C PRO A 12 2.45 -8.48 -18.06
N VAL A 13 2.68 -9.74 -17.64
CA VAL A 13 1.73 -10.82 -17.89
C VAL A 13 1.66 -11.65 -16.61
N ILE A 14 0.49 -12.21 -16.37
CA ILE A 14 0.29 -13.25 -15.37
C ILE A 14 0.88 -14.56 -15.84
N VAL A 15 1.79 -15.15 -15.05
CA VAL A 15 2.30 -16.47 -15.36
C VAL A 15 1.72 -17.55 -14.45
N GLU A 16 1.43 -17.23 -13.20
CA GLU A 16 0.74 -18.21 -12.34
C GLU A 16 -0.19 -17.46 -11.40
N ALA A 17 -1.18 -18.16 -10.86
CA ALA A 17 -2.08 -17.57 -9.86
C ALA A 17 -2.69 -18.72 -9.07
N THR A 18 -2.88 -18.51 -7.78
CA THR A 18 -3.42 -19.55 -6.91
C THR A 18 -4.03 -18.92 -5.68
N ARG A 19 -4.92 -19.63 -5.01
CA ARG A 19 -5.57 -19.07 -3.82
C ARG A 19 -5.68 -20.16 -2.80
N SER A 20 -5.81 -19.81 -1.52
CA SER A 20 -6.16 -20.79 -0.53
C SER A 20 -7.67 -21.04 -0.71
N PRO A 21 -8.18 -22.12 -0.13
CA PRO A 21 -9.61 -22.22 0.14
C PRO A 21 -9.99 -21.12 1.13
N ILE A 22 -11.26 -20.78 1.15
CA ILE A 22 -11.73 -19.68 1.97
C ILE A 22 -12.45 -20.30 3.16
N GLY A 23 -11.94 -20.06 4.36
CA GLY A 23 -12.55 -20.54 5.57
C GLY A 23 -13.61 -19.59 6.10
N LYS A 24 -14.58 -20.11 6.85
CA LYS A 24 -15.57 -19.26 7.50
C LYS A 24 -14.95 -18.68 8.75
N ARG A 25 -15.58 -17.64 9.30
CA ARG A 25 -15.15 -17.06 10.55
C ARG A 25 -15.08 -18.11 11.67
N ASN A 26 -13.97 -18.14 12.40
CA ASN A 26 -13.66 -19.23 13.35
C ASN A 26 -13.80 -20.64 12.76
N GLY A 27 -13.42 -20.79 11.49
CA GLY A 27 -13.54 -22.08 10.80
C GLY A 27 -12.21 -22.73 10.50
N TRP A 28 -12.16 -23.38 9.34
CA TRP A 28 -11.06 -24.29 9.04
C TRP A 28 -9.67 -23.65 9.05
N LEU A 29 -9.58 -22.35 8.71
CA LEU A 29 -8.29 -21.67 8.64
C LEU A 29 -7.97 -20.81 9.89
N SER A 30 -8.88 -20.79 10.84
CA SER A 30 -8.81 -19.80 11.89
C SER A 30 -7.60 -20.00 12.82
N GLY A 31 -7.00 -21.20 12.80
CA GLY A 31 -5.78 -21.49 13.64
C GLY A 31 -4.45 -21.12 13.03
N LEU A 32 -4.46 -20.60 11.80
CA LEU A 32 -3.24 -20.06 11.22
C LEU A 32 -3.11 -18.61 11.61
N HIS A 33 -1.91 -18.27 12.01
CA HIS A 33 -1.47 -16.89 12.09
C HIS A 33 -1.65 -16.28 10.71
N ALA A 34 -2.04 -15.01 10.68
CA ALA A 34 -2.26 -14.33 9.42
C ALA A 34 -1.05 -14.36 8.54
N THR A 35 0.14 -14.25 9.15
CA THR A 35 1.39 -14.30 8.40
C THR A 35 1.73 -15.67 7.79
N GLU A 36 1.33 -16.73 8.46
CA GLU A 36 1.46 -18.07 7.90
C GLU A 36 0.52 -18.34 6.73
N LEU A 37 -0.73 -17.91 6.86
CA LEU A 37 -1.71 -18.05 5.77
C LEU A 37 -1.23 -17.31 4.49
N LEU A 38 -0.82 -16.05 4.62
CA LEU A 38 -0.31 -15.36 3.43
C LEU A 38 0.99 -16.08 2.99
N GLY A 39 1.85 -16.42 3.94
CA GLY A 39 3.18 -16.91 3.55
C GLY A 39 3.04 -18.22 2.77
N ALA A 40 2.10 -19.05 3.19
CA ALA A 40 1.80 -20.30 2.47
C ALA A 40 1.41 -20.10 1.01
N VAL A 41 0.64 -19.05 0.73
CA VAL A 41 0.15 -18.81 -0.61
C VAL A 41 1.20 -18.08 -1.47
N GLN A 42 2.03 -17.24 -0.85
CA GLN A 42 3.23 -16.73 -1.52
C GLN A 42 4.11 -17.86 -2.03
N LYS A 43 4.47 -18.75 -1.10
CA LYS A 43 5.29 -19.92 -1.40
CA LYS A 43 5.29 -19.91 -1.42
C LYS A 43 4.66 -20.80 -2.50
N ALA A 44 3.35 -21.05 -2.36
CA ALA A 44 2.62 -21.88 -3.32
C ALA A 44 2.77 -21.32 -4.74
N VAL A 45 2.61 -20.01 -4.89
CA VAL A 45 2.57 -19.46 -6.24
C VAL A 45 3.96 -19.50 -6.88
N VAL A 46 5.00 -19.32 -6.06
CA VAL A 46 6.38 -19.57 -6.51
C VAL A 46 6.59 -21.02 -6.92
N ASP A 47 6.15 -21.97 -6.09
CA ASP A 47 6.41 -23.39 -6.34
C ASP A 47 5.72 -23.83 -7.62
N LYS A 48 4.59 -23.19 -7.95
CA LYS A 48 3.87 -23.60 -9.14
CA LYS A 48 3.85 -23.56 -9.15
C LYS A 48 4.66 -23.26 -10.40
N ALA A 49 5.44 -22.18 -10.34
CA ALA A 49 6.29 -21.79 -11.47
C ALA A 49 7.67 -22.43 -11.39
N GLY A 50 8.16 -22.61 -10.16
CA GLY A 50 9.47 -23.23 -9.94
C GLY A 50 9.56 -24.68 -10.41
N ILE A 51 8.49 -25.44 -10.23
CA ILE A 51 8.52 -26.83 -10.62
C ILE A 51 8.76 -27.00 -12.11
N GLN A 52 8.09 -26.20 -12.94
CA GLN A 52 8.19 -26.36 -14.39
C GLN A 52 9.41 -25.69 -15.01
N SER A 53 10.08 -24.80 -14.28
CA SER A 53 11.06 -23.93 -14.90
C SER A 53 12.29 -23.74 -14.03
N GLY A 54 13.16 -22.83 -14.43
CA GLY A 54 14.34 -22.48 -13.64
C GLY A 54 14.06 -21.48 -12.54
N LEU A 55 12.81 -21.00 -12.45
CA LEU A 55 12.49 -19.88 -11.56
C LEU A 55 12.63 -20.26 -10.11
N HIS A 56 13.17 -19.35 -9.30
CA HIS A 56 13.23 -19.59 -7.87
CA HIS A 56 13.38 -19.54 -7.86
C HIS A 56 12.73 -18.37 -7.11
N ALA A 57 12.30 -18.57 -5.87
CA ALA A 57 11.68 -17.49 -5.10
C ALA A 57 12.56 -16.23 -5.06
N GLY A 58 13.89 -16.43 -5.09
CA GLY A 58 14.80 -15.30 -5.17
C GLY A 58 14.83 -14.55 -6.49
N ASP A 59 14.15 -15.07 -7.52
CA ASP A 59 13.95 -14.33 -8.79
C ASP A 59 12.82 -13.29 -8.67
N VAL A 60 11.98 -13.41 -7.64
CA VAL A 60 10.92 -12.40 -7.42
C VAL A 60 11.55 -11.11 -6.87
N GLU A 61 11.25 -9.96 -7.47
CA GLU A 61 11.92 -8.74 -7.04
C GLU A 61 11.13 -7.99 -5.97
N GLN A 62 9.79 -8.01 -6.09
CA GLN A 62 8.98 -7.30 -5.13
C GLN A 62 7.64 -8.03 -5.02
N VAL A 63 7.07 -7.96 -3.83
CA VAL A 63 5.78 -8.50 -3.52
C VAL A 63 4.94 -7.32 -3.07
N ILE A 64 3.72 -7.21 -3.57
CA ILE A 64 2.78 -6.22 -3.03
C ILE A 64 1.52 -6.92 -2.61
N GLY A 65 1.15 -6.81 -1.34
CA GLY A 65 -0.03 -7.55 -0.81
C GLY A 65 -1.12 -6.63 -0.29
N GLY A 66 -2.38 -6.92 -0.58
CA GLY A 66 -3.40 -6.08 0.00
C GLY A 66 -3.82 -6.62 1.36
N CYS A 67 -4.12 -5.72 2.28
CA CYS A 67 -4.72 -6.13 3.56
C CYS A 67 -5.48 -4.93 4.13
N VAL A 68 -6.67 -5.18 4.66
CA VAL A 68 -7.52 -4.07 5.11
C VAL A 68 -7.30 -3.70 6.56
N THR A 69 -7.36 -4.68 7.48
CA THR A 69 -7.25 -4.33 8.90
C THR A 69 -5.82 -4.51 9.42
N GLN A 70 -4.99 -3.48 9.27
CA GLN A 70 -3.55 -3.68 9.45
C GLN A 70 -3.16 -3.51 10.90
N PHE A 71 -3.70 -4.39 11.73
CA PHE A 71 -3.51 -4.33 13.19
C PHE A 71 -2.95 -5.68 13.65
N GLY A 72 -2.14 -5.66 14.70
CA GLY A 72 -1.78 -6.90 15.41
C GLY A 72 -1.04 -7.81 14.46
N GLU A 73 -1.56 -9.03 14.24
CA GLU A 73 -0.99 -10.01 13.29
C GLU A 73 -0.84 -9.46 11.87
N GLN A 74 -1.70 -8.49 11.51
CA GLN A 74 -1.74 -7.94 10.16
C GLN A 74 -1.04 -6.59 10.02
N SER A 75 -0.36 -6.17 11.08
CA SER A 75 0.33 -4.87 11.10
C SER A 75 1.79 -5.03 10.66
N ASN A 76 2.48 -3.91 10.50
CA ASN A 76 3.92 -3.99 10.28
C ASN A 76 4.29 -4.62 8.95
N ASN A 77 3.49 -4.38 7.91
CA ASN A 77 3.82 -4.78 6.55
C ASN A 77 3.75 -6.30 6.43
N ILE A 78 2.52 -6.83 6.58
CA ILE A 78 2.33 -8.26 6.61
C ILE A 78 2.86 -9.00 5.38
N SER A 79 2.94 -8.30 4.25
CA SER A 79 3.48 -8.91 3.05
C SER A 79 4.92 -9.34 3.30
N ARG A 80 5.70 -8.43 3.87
CA ARG A 80 7.12 -8.71 4.23
C ARG A 80 7.17 -9.83 5.27
N VAL A 81 6.42 -9.64 6.36
CA VAL A 81 6.54 -10.57 7.49
C VAL A 81 6.17 -12.00 7.07
N ALA A 82 5.11 -12.15 6.29
CA ALA A 82 4.67 -13.43 5.72
C ALA A 82 5.79 -14.04 4.87
N TRP A 83 6.46 -13.22 4.07
CA TRP A 83 7.50 -13.71 3.15
C TRP A 83 8.69 -14.26 3.92
N LEU A 84 9.09 -13.54 4.96
CA LEU A 84 10.14 -14.04 5.82
C LEU A 84 9.67 -15.25 6.62
N THR A 85 8.43 -15.21 7.08
CA THR A 85 7.93 -16.27 7.94
C THR A 85 7.89 -17.60 7.19
N ALA A 86 7.64 -17.54 5.90
CA ALA A 86 7.57 -18.76 5.10
C ALA A 86 8.99 -19.24 4.73
N GLY A 87 10.00 -18.46 5.07
CA GLY A 87 11.38 -18.91 4.88
C GLY A 87 11.89 -18.53 3.50
N LEU A 88 11.24 -17.55 2.87
CA LEU A 88 11.63 -17.18 1.50
C LEU A 88 12.75 -16.16 1.56
N PRO A 89 13.41 -15.89 0.43
CA PRO A 89 14.69 -15.17 0.53
C PRO A 89 14.54 -13.73 1.03
N GLU A 90 15.50 -13.28 1.82
CA GLU A 90 15.33 -12.02 2.52
CA GLU A 90 15.41 -12.03 2.56
C GLU A 90 15.57 -10.80 1.65
N HIS A 91 16.21 -10.97 0.48
CA HIS A 91 16.51 -9.79 -0.38
C HIS A 91 15.32 -9.30 -1.21
N VAL A 92 14.20 -10.01 -1.14
CA VAL A 92 13.01 -9.62 -1.91
C VAL A 92 12.21 -8.50 -1.19
N GLY A 93 11.88 -7.41 -1.86
CA GLY A 93 11.24 -6.30 -1.17
C GLY A 93 9.74 -6.55 -1.13
N ALA A 94 9.04 -5.93 -0.18
CA ALA A 94 7.60 -6.17 -0.05
C ALA A 94 6.96 -4.93 0.51
N THR A 95 5.65 -4.77 0.19
CA THR A 95 4.89 -3.61 0.54
C THR A 95 3.45 -4.11 0.74
N THR A 96 2.72 -3.54 1.68
CA THR A 96 1.31 -3.88 1.92
C THR A 96 0.47 -2.65 1.60
N VAL A 97 -0.67 -2.84 0.95
CA VAL A 97 -1.46 -1.72 0.48
C VAL A 97 -2.89 -1.83 1.02
N ASP A 98 -3.52 -0.68 1.23
CA ASP A 98 -4.90 -0.60 1.73
C ASP A 98 -5.67 0.37 0.83
N CYS A 99 -6.54 -0.14 -0.02
CA CYS A 99 -7.63 0.70 -0.49
C CYS A 99 -8.93 0.02 -0.16
N GLN A 100 -8.95 -0.43 1.09
CA GLN A 100 -10.04 -1.15 1.69
C GLN A 100 -10.35 -2.35 0.82
N CYS A 101 -11.59 -2.42 0.36
CA CYS A 101 -12.07 -3.66 -0.22
C CYS A 101 -11.29 -4.07 -1.47
N SCY A 101 -11.78 -2.80 0.42
CA SCY A 101 -12.01 -4.08 -0.26
CB SCY A 101 -13.50 -4.09 -0.60
SG SCY A 101 -14.48 -3.84 0.94
CD SCY A 101 -14.36 -2.45 1.22
OCD SCY A 101 -14.29 -1.82 0.18
CE SCY A 101 -14.49 -1.81 2.59
C SCY A 101 -11.14 -4.05 -1.51
O SCY A 101 -11.10 -5.05 -2.25
N GLY A 102 -10.87 -3.09 -2.27
CA GLY A 102 -10.15 -3.35 -3.50
C GLY A 102 -8.65 -3.61 -3.34
N SER A 103 -8.18 -3.77 -2.11
CA SER A 103 -6.71 -3.84 -1.90
C SER A 103 -6.01 -4.92 -2.73
N GLY A 104 -6.54 -6.15 -2.69
CA GLY A 104 -6.01 -7.28 -3.45
C GLY A 104 -5.94 -7.07 -4.96
N GLN A 105 -6.87 -6.30 -5.49
CA GLN A 105 -6.93 -6.07 -6.93
C GLN A 105 -5.96 -4.97 -7.32
N GLN A 106 -5.91 -3.93 -6.48
CA GLN A 106 -4.92 -2.86 -6.68
C GLN A 106 -3.48 -3.38 -6.56
N ALA A 107 -3.25 -4.35 -5.68
CA ALA A 107 -1.89 -4.96 -5.55
C ALA A 107 -1.42 -5.55 -6.90
N ASN A 108 -2.35 -6.07 -7.69
CA ASN A 108 -2.08 -6.54 -9.05
C ASN A 108 -1.79 -5.44 -10.08
N HIS A 109 -2.56 -4.36 -9.97
CA HIS A 109 -2.37 -3.17 -10.79
C HIS A 109 -0.98 -2.58 -10.57
N LEU A 110 -0.57 -2.53 -9.31
CA LEU A 110 0.67 -1.88 -8.91
C LEU A 110 1.87 -2.72 -9.32
N ILE A 111 1.78 -4.03 -9.13
CA ILE A 111 2.84 -4.92 -9.61
C ILE A 111 3.01 -4.83 -11.13
N ALA A 112 1.90 -4.76 -11.84
CA ALA A 112 1.94 -4.57 -13.28
C ALA A 112 2.55 -3.21 -13.66
N GLY A 113 2.24 -2.16 -12.90
CA GLY A 113 2.83 -0.87 -13.15
C GLY A 113 4.35 -0.98 -13.06
N LEU A 114 4.84 -1.64 -12.02
CA LEU A 114 6.31 -1.63 -11.75
C LEU A 114 7.03 -2.37 -12.87
N ILE A 115 6.37 -3.36 -13.43
CA ILE A 115 6.93 -4.08 -14.60
C ILE A 115 6.93 -3.22 -15.86
N ALA A 116 5.84 -2.48 -16.09
CA ALA A 116 5.76 -1.58 -17.24
C ALA A 116 6.87 -0.52 -17.18
N ALA A 117 7.15 -0.03 -15.98
CA ALA A 117 8.16 0.99 -15.78
C ALA A 117 9.57 0.43 -15.93
N GLY A 118 9.70 -0.90 -16.00
CA GLY A 118 11.03 -1.54 -16.03
C GLY A 118 11.75 -1.54 -14.69
N ALA A 119 11.02 -1.25 -13.61
CA ALA A 119 11.58 -1.30 -12.23
C ALA A 119 11.86 -2.72 -11.84
N ILE A 120 10.92 -3.60 -12.16
CA ILE A 120 11.09 -5.02 -11.92
C ILE A 120 10.70 -5.89 -13.11
N ASP A 121 11.34 -7.05 -13.24
CA ASP A 121 10.95 -8.06 -14.22
C ASP A 121 10.02 -9.13 -13.66
N VAL A 122 10.07 -9.34 -12.35
CA VAL A 122 9.23 -10.40 -11.74
C VAL A 122 8.63 -9.83 -10.46
N GLY A 123 7.32 -9.98 -10.28
CA GLY A 123 6.76 -9.67 -8.99
C GLY A 123 5.54 -10.48 -8.60
N ILE A 124 5.17 -10.39 -7.34
CA ILE A 124 4.00 -11.10 -6.83
C ILE A 124 3.05 -10.09 -6.28
N ALA A 125 1.79 -10.18 -6.73
CA ALA A 125 0.68 -9.44 -6.12
C ALA A 125 -0.14 -10.43 -5.31
N CYS A 126 -0.54 -10.04 -4.11
CA CYS A 126 -1.25 -10.97 -3.28
C CYS A 126 -2.29 -10.25 -2.43
N GLY A 127 -3.01 -11.00 -1.62
CA GLY A 127 -3.85 -10.35 -0.62
C GLY A 127 -4.14 -11.30 0.49
N ILE A 128 -4.45 -10.77 1.66
CA ILE A 128 -4.66 -11.60 2.86
C ILE A 128 -5.75 -10.94 3.68
N GLU A 129 -6.60 -11.75 4.31
CA GLU A 129 -7.36 -11.27 5.45
C GLU A 129 -7.69 -12.46 6.35
N ALA A 130 -7.31 -12.36 7.62
CA ALA A 130 -7.53 -13.43 8.59
C ALA A 130 -8.56 -12.90 9.55
N MET A 131 -9.80 -12.81 9.11
CA MET A 131 -10.83 -12.08 9.87
C MET A 131 -11.22 -12.75 11.17
N SER A 132 -11.00 -14.06 11.28
CA SER A 132 -11.21 -14.69 12.58
C SER A 132 -10.26 -14.07 13.62
N ARG A 133 -9.04 -13.76 13.17
CA ARG A 133 -7.95 -13.41 14.09
C ARG A 133 -7.79 -11.90 14.29
N VAL A 134 -8.15 -11.13 13.27
CA VAL A 134 -8.10 -9.65 13.34
C VAL A 134 -9.39 -9.14 12.70
N GLY A 135 -10.33 -8.72 13.51
CA GLY A 135 -11.70 -8.45 13.04
C GLY A 135 -11.81 -7.01 12.55
N LEU A 136 -12.83 -6.74 11.73
CA LEU A 136 -12.98 -5.42 11.14
C LEU A 136 -13.09 -4.42 12.27
N GLY A 137 -12.41 -3.29 12.16
CA GLY A 137 -12.52 -2.27 13.21
C GLY A 137 -11.43 -2.40 14.24
N ALA A 138 -10.65 -3.48 14.19
CA ALA A 138 -9.52 -3.62 15.16
C ALA A 138 -8.42 -2.54 14.97
N ASN A 139 -8.39 -1.93 13.80
CA ASN A 139 -7.42 -0.89 13.50
C ASN A 139 -7.86 0.50 13.97
N ALA A 140 -8.89 0.56 14.80
CA ALA A 140 -9.22 1.80 15.50
C ALA A 140 -9.72 1.47 16.88
N GLY A 141 -9.65 2.41 17.81
CA GLY A 141 -10.21 2.22 19.14
C GLY A 141 -11.74 2.26 19.14
N PRO A 142 -12.35 2.18 20.33
CA PRO A 142 -13.81 1.99 20.47
C PRO A 142 -14.66 3.12 19.89
N ASP A 143 -14.18 4.35 20.00
CA ASP A 143 -14.95 5.52 19.53
C ASP A 143 -14.60 5.92 18.11
N ARG A 144 -15.39 5.46 17.15
CA ARG A 144 -15.03 5.56 15.75
C ARG A 144 -15.07 7.01 15.27
N SER A 145 -15.82 7.86 15.97
CA SER A 145 -15.88 9.27 15.64
C SER A 145 -14.49 9.91 15.61
N LEU A 146 -13.60 9.43 16.47
CA LEU A 146 -12.24 9.95 16.54
C LEU A 146 -11.41 9.79 15.26
N ILE A 147 -11.76 8.83 14.41
CA ILE A 147 -10.89 8.54 13.27
C ILE A 147 -11.07 9.51 12.09
N ARG A 148 -12.14 10.31 12.12
CA ARG A 148 -12.32 11.42 11.17
CA ARG A 148 -12.29 11.42 11.18
C ARG A 148 -12.19 12.77 11.87
N ALA A 149 -11.74 13.79 11.12
CA ALA A 149 -11.65 15.15 11.65
C ALA A 149 -13.03 15.59 12.10
N GLN A 150 -13.08 16.48 13.09
CA GLN A 150 -14.33 17.12 13.47
C GLN A 150 -14.99 17.87 12.31
N SER A 151 -14.18 18.30 11.36
CA SER A 151 -14.73 19.04 10.21
C SER A 151 -15.51 18.10 9.26
N TRP A 152 -15.30 16.80 9.36
CA TRP A 152 -15.87 15.88 8.38
C TRP A 152 -17.38 16.11 8.28
N ASP A 153 -17.88 16.32 7.07
CA ASP A 153 -19.32 16.55 6.91
C ASP A 153 -19.83 15.95 5.60
N ILE A 154 -19.30 14.78 5.26
CA ILE A 154 -19.72 14.08 4.06
C ILE A 154 -20.67 12.96 4.50
N ASP A 155 -21.75 12.79 3.77
CA ASP A 155 -22.71 11.75 4.12
C ASP A 155 -22.17 10.43 3.57
N LEU A 156 -21.38 9.71 4.37
CA LEU A 156 -20.84 8.44 3.92
C LEU A 156 -21.33 7.31 4.84
N PRO A 157 -22.32 6.54 4.36
CA PRO A 157 -23.02 5.70 5.34
C PRO A 157 -22.15 4.46 5.68
N ASN A 158 -22.53 3.70 6.71
CA ASN A 158 -21.91 2.40 6.91
C ASN A 158 -22.38 1.46 5.81
N GLN A 159 -21.70 0.34 5.66
CA GLN A 159 -21.85 -0.52 4.49
C GLN A 159 -23.23 -1.17 4.44
N PHE A 160 -23.76 -1.50 5.60
CA PHE A 160 -25.11 -2.00 5.66
C PHE A 160 -26.17 -0.98 5.19
N GLU A 161 -26.09 0.27 5.67
CA GLU A 161 -27.01 1.32 5.22
C GLU A 161 -26.79 1.60 3.75
N ALA A 162 -25.54 1.54 3.31
CA ALA A 162 -25.21 1.67 1.92
C ALA A 162 -25.93 0.67 1.02
N ALA A 163 -25.90 -0.61 1.39
CA ALA A 163 -26.55 -1.64 0.57
C ALA A 163 -28.04 -1.30 0.37
N GLU A 164 -28.66 -0.75 1.40
CA GLU A 164 -30.08 -0.39 1.32
C GLU A 164 -30.34 0.83 0.43
N ARG A 165 -29.54 1.88 0.62
CA ARG A 165 -29.60 3.09 -0.23
C ARG A 165 -29.50 2.73 -1.72
N ILE A 166 -28.61 1.80 -2.04
CA ILE A 166 -28.42 1.28 -3.41
C ILE A 166 -29.66 0.49 -3.89
N ALA A 167 -30.21 -0.36 -3.02
CA ALA A 167 -31.44 -1.07 -3.33
C ALA A 167 -32.54 -0.07 -3.71
N LYS A 168 -32.67 0.97 -2.90
CA LYS A 168 -33.69 2.01 -3.11
C LYS A 168 -33.47 2.75 -4.41
N ARG A 169 -32.21 3.06 -4.71
CA ARG A 169 -31.88 3.76 -5.94
C ARG A 169 -32.40 2.99 -7.17
N ARG A 170 -32.33 1.66 -7.10
CA ARG A 170 -32.49 0.81 -8.28
C ARG A 170 -33.81 0.05 -8.33
N GLY A 171 -34.66 0.21 -7.32
CA GLY A 171 -35.93 -0.54 -7.25
C GLY A 171 -35.73 -2.03 -7.00
N ILE A 172 -34.74 -2.35 -6.18
CA ILE A 172 -34.39 -3.75 -5.91
C ILE A 172 -35.06 -4.21 -4.62
N THR A 173 -35.78 -5.32 -4.71
CA THR A 173 -36.63 -5.78 -3.60
C THR A 173 -36.02 -6.95 -2.83
N ARG A 174 -36.57 -7.25 -1.65
CA ARG A 174 -36.20 -8.41 -0.86
C ARG A 174 -36.17 -9.65 -1.74
N GLU A 175 -37.26 -9.88 -2.47
CA GLU A 175 -37.26 -10.94 -3.46
C GLU A 175 -36.06 -10.98 -4.41
N ASP A 176 -35.73 -9.84 -5.01
CA ASP A 176 -34.73 -9.83 -6.06
C ASP A 176 -33.40 -10.30 -5.42
N VAL A 177 -33.07 -9.79 -4.23
CA VAL A 177 -31.74 -10.15 -3.66
C VAL A 177 -31.68 -11.63 -3.25
N ASP A 178 -32.80 -12.13 -2.71
CA ASP A 178 -32.88 -13.54 -2.35
C ASP A 178 -32.74 -14.45 -3.57
N VAL A 179 -33.36 -14.10 -4.69
CA VAL A 179 -33.13 -14.81 -5.93
C VAL A 179 -31.63 -14.83 -6.25
N PHE A 180 -30.99 -13.67 -6.19
CA PHE A 180 -29.52 -13.61 -6.38
C PHE A 180 -28.72 -14.48 -5.42
N GLY A 181 -28.96 -14.28 -4.12
CA GLY A 181 -28.27 -15.05 -3.08
C GLY A 181 -28.37 -16.55 -3.31
N LEU A 182 -29.57 -17.01 -3.66
CA LEU A 182 -29.75 -18.41 -3.98
C LEU A 182 -28.82 -18.82 -5.14
N GLU A 183 -28.86 -18.05 -6.22
CA GLU A 183 -28.12 -18.47 -7.40
C GLU A 183 -26.63 -18.51 -7.05
N SER A 184 -26.18 -17.61 -6.17
CA SER A 184 -24.76 -17.54 -5.79
C SER A 184 -24.34 -18.85 -5.12
N GLN A 185 -25.19 -19.39 -4.23
CA GLN A 185 -24.89 -20.67 -3.58
C GLN A 185 -24.97 -21.81 -4.61
N ARG A 186 -25.97 -21.76 -5.50
CA ARG A 186 -26.15 -22.82 -6.47
C ARG A 186 -24.98 -22.86 -7.42
N ARG A 187 -24.63 -21.71 -7.95
CA ARG A 187 -23.42 -21.62 -8.77
C ARG A 187 -22.12 -22.10 -8.12
N ALA A 188 -21.90 -21.74 -6.85
CA ALA A 188 -20.69 -22.17 -6.16
C ALA A 188 -20.70 -23.68 -5.99
N GLN A 189 -21.85 -24.23 -5.62
CA GLN A 189 -22.00 -25.68 -5.54
C GLN A 189 -21.81 -26.40 -6.88
N ARG A 190 -22.33 -25.83 -7.96
CA ARG A 190 -22.04 -26.43 -9.27
C ARG A 190 -20.52 -26.44 -9.55
N ALA A 191 -19.84 -25.34 -9.27
CA ALA A 191 -18.41 -25.23 -9.52
C ALA A 191 -17.67 -26.27 -8.70
N TRP A 192 -18.07 -26.44 -7.44
CA TRP A 192 -17.39 -27.43 -6.60
C TRP A 192 -17.71 -28.84 -7.06
N ALA A 193 -18.94 -29.08 -7.50
CA ALA A 193 -19.32 -30.40 -7.95
C ALA A 193 -18.57 -30.76 -9.20
N GLU A 194 -18.32 -29.78 -10.06
CA GLU A 194 -17.67 -30.06 -11.33
C GLU A 194 -16.13 -29.99 -11.24
N GLY A 195 -15.61 -29.46 -10.14
CA GLY A 195 -14.15 -29.37 -9.98
C GLY A 195 -13.55 -28.16 -10.66
N ARG A 196 -14.38 -27.13 -10.89
CA ARG A 196 -13.93 -25.89 -11.50
C ARG A 196 -12.81 -25.20 -10.73
N PHE A 197 -12.87 -25.27 -9.40
CA PHE A 197 -11.83 -24.62 -8.58
C PHE A 197 -10.57 -25.50 -8.36
N ASP A 198 -10.55 -26.73 -8.86
CA ASP A 198 -9.37 -27.61 -8.60
C ASP A 198 -8.03 -27.05 -9.06
N ARG A 199 -8.01 -26.35 -10.18
CA ARG A 199 -6.75 -25.87 -10.70
CA ARG A 199 -6.76 -25.80 -10.76
C ARG A 199 -6.22 -24.66 -9.93
N GLU A 200 -7.13 -23.82 -9.46
CA GLU A 200 -6.73 -22.57 -8.83
C GLU A 200 -6.39 -22.69 -7.35
N ILE A 201 -6.89 -23.72 -6.70
CA ILE A 201 -6.72 -23.80 -5.24
C ILE A 201 -5.39 -24.48 -4.87
N SER A 202 -4.61 -23.83 -4.00
CA SER A 202 -3.56 -24.54 -3.23
C SER A 202 -4.12 -24.94 -1.90
N PRO A 203 -4.19 -26.24 -1.65
CA PRO A 203 -4.56 -26.68 -0.34
C PRO A 203 -3.54 -26.20 0.69
N ILE A 204 -4.02 -25.94 1.90
CA ILE A 204 -3.23 -25.30 2.93
CA ILE A 204 -3.19 -25.34 2.91
C ILE A 204 -3.33 -26.16 4.19
N GLN A 205 -2.17 -26.48 4.77
CA GLN A 205 -2.13 -27.14 6.07
CA GLN A 205 -2.15 -27.14 6.06
C GLN A 205 -2.52 -26.15 7.18
N ALA A 206 -3.49 -26.55 7.99
CA ALA A 206 -4.05 -25.67 9.02
C ALA A 206 -4.28 -26.46 10.30
N PRO A 207 -3.93 -25.86 11.45
CA PRO A 207 -4.08 -26.47 12.77
C PRO A 207 -5.55 -26.66 13.13
N VAL A 208 -5.88 -27.81 13.69
CA VAL A 208 -7.23 -28.05 14.16
C VAL A 208 -7.41 -27.49 15.57
N LEU A 209 -8.54 -26.85 15.82
CA LEU A 209 -8.79 -26.32 17.14
C LEU A 209 -9.91 -27.05 17.85
N ASP A 210 -9.91 -26.98 19.17
CA ASP A 210 -10.95 -27.63 19.96
C ASP A 210 -12.08 -26.65 20.26
N GLU A 211 -13.08 -27.12 20.99
CA GLU A 211 -14.27 -26.34 21.27
C GLU A 211 -13.92 -24.92 21.70
N GLN A 212 -12.88 -24.80 22.53
CA GLN A 212 -12.49 -23.51 23.09
C GLN A 212 -11.33 -22.88 22.33
N ASN A 213 -11.29 -23.12 21.01
CA ASN A 213 -10.41 -22.36 20.13
C ASN A 213 -8.93 -22.52 20.47
N GLN A 214 -8.57 -23.70 20.96
CA GLN A 214 -7.20 -24.01 21.32
C GLN A 214 -6.71 -25.19 20.48
N PRO A 215 -5.47 -25.10 19.97
CA PRO A 215 -4.93 -26.14 19.08
C PRO A 215 -4.97 -27.52 19.75
N THR A 216 -5.25 -28.57 18.98
CA THR A 216 -5.15 -29.94 19.46
C THR A 216 -3.77 -30.56 19.18
N GLY A 217 -2.98 -29.94 18.31
CA GLY A 217 -1.86 -30.63 17.70
C GLY A 217 -2.16 -31.23 16.33
N GLU A 218 -3.42 -31.62 16.09
CA GLU A 218 -3.82 -32.03 14.74
C GLU A 218 -3.62 -30.91 13.73
N ARG A 219 -3.08 -31.25 12.57
CA ARG A 219 -3.20 -30.43 11.36
C ARG A 219 -3.90 -31.18 10.24
N ARG A 220 -4.69 -30.46 9.45
CA ARG A 220 -5.37 -31.04 8.29
C ARG A 220 -5.03 -30.25 7.03
N LEU A 221 -4.98 -30.92 5.89
CA LEU A 221 -4.80 -30.22 4.62
C LEU A 221 -6.17 -29.74 4.11
N VAL A 222 -6.35 -28.43 4.09
CA VAL A 222 -7.67 -27.86 3.76
C VAL A 222 -7.70 -27.56 2.28
N PHE A 223 -8.70 -28.10 1.57
CA PHE A 223 -8.84 -27.84 0.14
C PHE A 223 -10.20 -27.30 -0.28
N ARG A 224 -11.20 -27.36 0.61
CA ARG A 224 -12.57 -26.97 0.24
C ARG A 224 -12.97 -25.58 0.76
N ASP A 225 -13.71 -24.79 -0.03
CA ASP A 225 -14.22 -23.53 0.48
C ASP A 225 -15.31 -23.86 1.51
N GLN A 226 -15.36 -23.13 2.60
CA GLN A 226 -16.21 -23.55 3.71
C GLN A 226 -17.62 -22.97 3.64
N GLY A 227 -17.82 -21.89 2.89
CA GLY A 227 -19.07 -21.09 3.01
C GLY A 227 -20.28 -21.72 2.36
N LEU A 228 -20.07 -22.77 1.56
CA LEU A 228 -21.20 -23.40 0.81
C LEU A 228 -22.19 -24.03 1.76
N ARG A 229 -23.48 -23.89 1.45
CA ARG A 229 -24.46 -24.63 2.19
C ARG A 229 -25.80 -24.73 1.47
N GLU A 230 -26.61 -25.68 1.92
CA GLU A 230 -27.81 -25.99 1.19
C GLU A 230 -28.78 -24.84 1.44
N THR A 231 -29.19 -24.20 0.36
CA THR A 231 -29.93 -22.96 0.48
C THR A 231 -31.21 -23.08 -0.34
N THR A 232 -32.32 -22.62 0.23
CA THR A 232 -33.59 -22.55 -0.49
C THR A 232 -34.19 -21.14 -0.40
N MET A 233 -35.13 -20.88 -1.30
CA MET A 233 -35.81 -19.60 -1.38
C MET A 233 -36.70 -19.43 -0.15
N ALA A 234 -37.37 -20.51 0.24
CA ALA A 234 -38.07 -20.53 1.53
C ALA A 234 -37.12 -20.23 2.71
N GLY A 235 -35.98 -20.91 2.76
CA GLY A 235 -34.98 -20.64 3.79
C GLY A 235 -34.49 -19.20 3.83
N LEU A 236 -34.08 -18.65 2.69
CA LEU A 236 -33.71 -17.22 2.61
C LEU A 236 -34.84 -16.27 3.06
N GLY A 237 -36.07 -16.60 2.69
CA GLY A 237 -37.24 -15.84 3.11
C GLY A 237 -37.47 -15.72 4.62
N GLU A 238 -37.02 -16.68 5.39
CA GLU A 238 -37.19 -16.60 6.86
C GLU A 238 -36.02 -15.91 7.59
N LEU A 239 -34.99 -15.51 6.85
CA LEU A 239 -33.86 -14.88 7.50
C LEU A 239 -34.22 -13.43 7.91
N LYS A 240 -33.70 -12.99 9.05
CA LYS A 240 -33.94 -11.61 9.53
C LYS A 240 -33.00 -10.66 8.81
N PRO A 241 -33.52 -9.50 8.39
CA PRO A 241 -32.67 -8.44 7.81
C PRO A 241 -31.63 -7.93 8.81
N VAL A 242 -30.44 -7.54 8.33
CA VAL A 242 -29.39 -7.02 9.23
C VAL A 242 -29.80 -5.71 9.88
N LEU A 243 -30.40 -4.84 9.07
CA LEU A 243 -31.01 -3.62 9.59
C LEU A 243 -32.53 -3.75 9.62
N GLU A 244 -33.14 -3.05 10.58
CA GLU A 244 -34.59 -2.88 10.58
C GLU A 244 -35.08 -2.20 9.31
N GLY A 245 -36.08 -2.79 8.67
CA GLY A 245 -36.60 -2.27 7.42
C GLY A 245 -35.66 -2.52 6.23
N GLY A 246 -34.60 -3.28 6.45
CA GLY A 246 -33.64 -3.56 5.38
C GLY A 246 -34.07 -4.77 4.56
N ILE A 247 -33.53 -4.91 3.35
CA ILE A 247 -33.78 -6.12 2.59
C ILE A 247 -32.65 -7.16 2.71
N HIS A 248 -31.43 -6.76 3.06
CA HIS A 248 -30.34 -7.71 3.09
C HIS A 248 -30.31 -8.49 4.38
N THR A 249 -29.91 -9.76 4.29
CA THR A 249 -29.75 -10.61 5.46
C THR A 249 -28.38 -11.29 5.33
N ALA A 250 -28.08 -12.16 6.28
CA ALA A 250 -26.90 -13.01 6.20
C ALA A 250 -26.86 -13.78 4.90
N GLY A 251 -28.02 -14.12 4.32
CA GLY A 251 -28.02 -14.90 3.08
C GLY A 251 -27.88 -14.09 1.80
N THR A 252 -27.87 -12.77 1.91
CA THR A 252 -27.70 -11.93 0.73
C THR A 252 -26.55 -10.93 0.89
N SER A 253 -25.63 -11.26 1.79
CA SER A 253 -24.44 -10.44 2.04
C SER A 253 -23.26 -11.39 2.14
N SER A 254 -22.07 -10.87 1.85
CA SER A 254 -20.87 -11.68 1.89
C SER A 254 -20.62 -12.22 3.30
N GLN A 255 -19.85 -13.31 3.39
CA GLN A 255 -19.64 -13.99 4.65
C GLN A 255 -18.23 -13.54 5.11
N ILE A 256 -18.07 -13.29 6.42
CA ILE A 256 -16.76 -12.97 7.01
C ILE A 256 -15.88 -14.21 6.94
N SER A 257 -14.63 -14.06 6.45
CA SER A 257 -13.87 -15.21 6.01
C SER A 257 -12.35 -15.00 6.19
N ASP A 258 -11.62 -16.11 6.08
CA ASP A 258 -10.14 -16.11 6.15
C ASP A 258 -9.66 -16.65 4.82
N GLY A 259 -8.67 -16.01 4.22
CA GLY A 259 -8.13 -16.56 3.00
C GLY A 259 -7.05 -15.67 2.44
N ALA A 260 -6.24 -16.25 1.57
CA ALA A 260 -5.16 -15.49 0.91
C ALA A 260 -5.12 -15.96 -0.55
N ALA A 261 -4.59 -15.10 -1.43
CA ALA A 261 -4.43 -15.42 -2.84
C ALA A 261 -3.18 -14.73 -3.32
N ALA A 262 -2.58 -15.23 -4.39
CA ALA A 262 -1.35 -14.62 -4.91
C ALA A 262 -1.21 -14.84 -6.41
N VAL A 263 -0.61 -13.87 -7.08
CA VAL A 263 -0.56 -13.88 -8.53
C VAL A 263 0.91 -13.53 -8.89
N LEU A 264 1.52 -14.35 -9.73
CA LEU A 264 2.89 -14.11 -10.13
C LEU A 264 2.84 -13.46 -11.51
N TRP A 265 3.54 -12.33 -11.63
CA TRP A 265 3.55 -11.49 -12.81
C TRP A 265 4.99 -11.44 -13.31
N MET A 266 5.19 -11.42 -14.63
CA MET A 266 6.53 -11.19 -15.20
CA MET A 266 6.53 -11.19 -15.19
C MET A 266 6.44 -10.29 -16.42
N ASP A 267 7.53 -9.62 -16.77
CA ASP A 267 7.70 -9.12 -18.14
C ASP A 267 7.60 -10.30 -19.11
N GLU A 268 6.77 -10.16 -20.15
CA GLU A 268 6.47 -11.30 -21.01
C GLU A 268 7.72 -12.00 -21.60
N ALA A 269 8.64 -11.22 -22.15
CA ALA A 269 9.82 -11.85 -22.77
C ALA A 269 10.72 -12.60 -21.75
N VAL A 270 10.82 -12.05 -20.54
CA VAL A 270 11.50 -12.74 -19.44
C VAL A 270 10.79 -14.05 -19.03
N ALA A 271 9.46 -14.01 -18.94
CA ALA A 271 8.67 -15.22 -18.65
C ALA A 271 8.98 -16.33 -19.65
N ARG A 272 8.95 -16.00 -20.94
CA ARG A 272 9.27 -16.97 -21.95
C ARG A 272 10.72 -17.48 -21.85
N ALA A 273 11.66 -16.57 -21.61
CA ALA A 273 13.06 -16.96 -21.46
C ALA A 273 13.25 -17.94 -20.30
N HIS A 274 12.41 -17.80 -19.27
CA HIS A 274 12.43 -18.72 -18.12
C HIS A 274 11.76 -20.05 -18.44
N GLY A 275 11.08 -20.10 -19.57
CA GLY A 275 10.38 -21.29 -19.98
C GLY A 275 8.95 -21.33 -19.51
N LEU A 276 8.44 -20.21 -19.00
CA LEU A 276 7.08 -20.12 -18.51
C LEU A 276 6.13 -19.55 -19.58
N THR A 277 4.87 -19.97 -19.55
CA THR A 277 3.90 -19.53 -20.56
C THR A 277 3.08 -18.37 -20.00
N PRO A 278 3.08 -17.21 -20.68
CA PRO A 278 2.24 -16.10 -20.22
C PRO A 278 0.76 -16.44 -20.41
N ARG A 279 -0.07 -16.13 -19.42
CA ARG A 279 -1.45 -16.61 -19.42
C ARG A 279 -2.48 -15.49 -19.64
N ALA A 280 -2.14 -14.28 -19.21
CA ALA A 280 -3.03 -13.14 -19.38
C ALA A 280 -2.27 -11.82 -19.24
N ARG A 281 -2.84 -10.77 -19.80
CA ARG A 281 -2.36 -9.45 -19.57
C ARG A 281 -3.52 -8.53 -19.23
N ILE A 282 -3.18 -7.36 -18.72
CA ILE A 282 -4.15 -6.33 -18.41
C ILE A 282 -4.39 -5.47 -19.63
N VAL A 283 -5.65 -5.39 -20.03
CA VAL A 283 -6.08 -4.51 -21.11
C VAL A 283 -6.32 -3.09 -20.59
N ALA A 284 -6.86 -2.97 -19.39
CA ALA A 284 -7.15 -1.67 -18.76
C ALA A 284 -7.36 -1.90 -17.29
N GLN A 285 -6.83 -0.99 -16.48
CA GLN A 285 -6.97 -1.05 -15.01
C GLN A 285 -7.42 0.31 -14.52
N ALA A 286 -8.14 0.33 -13.41
CA ALA A 286 -8.49 1.59 -12.75
C ALA A 286 -8.73 1.40 -11.26
N LEU A 287 -8.56 2.49 -10.52
CA LEU A 287 -9.15 2.64 -9.20
C LEU A 287 -9.72 4.03 -9.14
N VAL A 288 -11.03 4.08 -9.01
CA VAL A 288 -11.81 5.32 -9.09
C VAL A 288 -12.55 5.57 -7.80
N GLY A 289 -12.78 6.85 -7.49
CA GLY A 289 -13.59 7.23 -6.34
C GLY A 289 -15.05 7.04 -6.72
N ALA A 290 -15.89 6.70 -5.76
CA ALA A 290 -17.31 6.49 -6.06
C ALA A 290 -18.13 7.55 -5.36
N GLU A 291 -19.46 7.58 -5.59
CA GLU A 291 -20.35 8.46 -4.84
C GLU A 291 -20.37 8.09 -3.35
N PRO A 292 -20.09 9.08 -2.49
CA PRO A 292 -19.99 8.78 -1.06
C PRO A 292 -21.38 8.48 -0.50
N TYR A 293 -22.39 9.14 -1.04
CA TYR A 293 -23.76 8.95 -0.55
C TYR A 293 -24.19 7.48 -0.68
N TYR A 294 -23.74 6.78 -1.73
CA TYR A 294 -24.14 5.37 -1.86
C TYR A 294 -23.06 4.46 -1.39
N HIS A 295 -21.83 4.99 -1.35
CA HIS A 295 -20.73 4.27 -0.78
C HIS A 295 -20.24 3.14 -1.66
N LEU A 296 -21.11 2.18 -1.95
CA LEU A 296 -20.66 0.94 -2.60
C LEU A 296 -21.12 0.77 -4.04
N ASP A 297 -21.55 1.84 -4.70
CA ASP A 297 -22.08 1.70 -6.06
C ASP A 297 -20.98 1.94 -7.09
N GLY A 298 -19.73 1.94 -6.63
CA GLY A 298 -18.60 2.28 -7.47
C GLY A 298 -18.33 1.35 -8.66
N PRO A 299 -18.76 0.09 -8.56
CA PRO A 299 -18.44 -0.80 -9.69
C PRO A 299 -19.07 -0.28 -11.00
N VAL A 300 -20.10 0.55 -10.89
CA VAL A 300 -20.68 1.17 -12.10
C VAL A 300 -19.60 2.08 -12.76
N GLN A 301 -18.89 2.86 -11.94
CA GLN A 301 -17.87 3.79 -12.47
C GLN A 301 -16.59 3.09 -12.91
N SER A 302 -16.07 2.20 -12.07
CA SER A 302 -14.87 1.50 -12.45
C SER A 302 -15.08 0.67 -13.72
N THR A 303 -16.26 0.09 -13.89
CA THR A 303 -16.55 -0.68 -15.10
C THR A 303 -16.53 0.23 -16.32
N ALA A 304 -17.20 1.39 -16.21
CA ALA A 304 -17.26 2.37 -17.30
C ALA A 304 -15.84 2.83 -17.64
N LYS A 305 -15.06 3.14 -16.62
CA LYS A 305 -13.68 3.58 -16.88
C LYS A 305 -12.80 2.57 -17.63
N VAL A 306 -12.73 1.32 -17.17
CA VAL A 306 -11.91 0.35 -17.88
C VAL A 306 -12.38 0.00 -19.29
N LEU A 307 -13.69 -0.03 -19.49
CA LEU A 307 -14.26 -0.17 -20.83
C LEU A 307 -13.87 0.97 -21.77
N GLU A 308 -14.02 2.20 -21.30
CA GLU A 308 -13.67 3.36 -22.12
C GLU A 308 -12.19 3.27 -22.48
N LYS A 309 -11.37 2.96 -21.49
CA LYS A 309 -9.91 2.95 -21.70
C LYS A 309 -9.56 1.86 -22.72
N ALA A 310 -10.20 0.70 -22.56
CA ALA A 310 -9.97 -0.43 -23.44
C ALA A 310 -10.66 -0.29 -24.81
N GLY A 311 -11.49 0.73 -24.98
CA GLY A 311 -12.30 0.86 -26.22
C GLY A 311 -13.34 -0.25 -26.40
N MET A 312 -13.85 -0.76 -25.29
CA MET A 312 -14.72 -1.92 -25.36
C MET A 312 -16.12 -1.61 -24.88
N LYS A 313 -17.06 -2.50 -25.21
CA LYS A 313 -18.37 -2.50 -24.58
C LYS A 313 -18.62 -3.77 -23.78
N ILE A 314 -19.66 -3.75 -22.96
CA ILE A 314 -19.82 -4.77 -21.93
C ILE A 314 -19.99 -6.12 -22.63
N GLY A 315 -20.56 -6.09 -23.82
CA GLY A 315 -20.80 -7.31 -24.59
C GLY A 315 -19.54 -7.94 -25.18
N ASP A 316 -18.44 -7.22 -25.18
CA ASP A 316 -17.13 -7.80 -25.51
C ASP A 316 -16.62 -8.76 -24.42
N ILE A 317 -17.07 -8.56 -23.19
CA ILE A 317 -16.51 -9.28 -22.04
C ILE A 317 -17.14 -10.67 -21.94
N ASP A 318 -16.32 -11.70 -21.74
CA ASP A 318 -16.80 -13.09 -21.75
C ASP A 318 -17.24 -13.52 -20.36
N ILE A 319 -16.52 -13.02 -19.36
CA ILE A 319 -16.69 -13.46 -17.97
C ILE A 319 -16.55 -12.22 -17.08
N VAL A 320 -17.45 -12.06 -16.13
CA VAL A 320 -17.33 -10.97 -15.17
C VAL A 320 -17.28 -11.53 -13.75
N GLU A 321 -16.32 -11.04 -12.97
CA GLU A 321 -16.31 -11.23 -11.53
C GLU A 321 -16.56 -9.90 -10.84
N ILE A 322 -17.73 -9.78 -10.23
CA ILE A 322 -18.01 -8.61 -9.46
C ILE A 322 -18.27 -9.05 -8.04
N ASN A 323 -17.63 -8.38 -7.09
CA ASN A 323 -17.71 -8.90 -5.74
C ASN A 323 -19.07 -8.74 -5.09
N GLU A 324 -19.55 -9.78 -4.44
CA GLU A 324 -20.93 -9.79 -3.91
C GLU A 324 -20.91 -9.37 -2.45
N ALA A 325 -20.34 -8.21 -2.16
CA ALA A 325 -20.38 -7.66 -0.80
C ALA A 325 -21.81 -7.75 -0.32
N PHE A 326 -22.71 -7.18 -1.13
CA PHE A 326 -24.17 -7.26 -0.90
C PHE A 326 -24.79 -7.53 -2.25
N ALA A 327 -25.89 -8.25 -2.24
CA ALA A 327 -26.61 -8.56 -3.46
C ALA A 327 -26.96 -7.29 -4.25
N SER A 328 -27.43 -6.26 -3.55
CA SER A 328 -27.82 -5.04 -4.23
C SER A 328 -26.73 -4.38 -5.03
N VAL A 329 -25.46 -4.57 -4.63
CA VAL A 329 -24.41 -3.92 -5.33
C VAL A 329 -24.34 -4.52 -6.75
N VAL A 330 -24.43 -5.85 -6.84
CA VAL A 330 -24.32 -6.58 -8.12
C VAL A 330 -25.57 -6.32 -8.97
N LEU A 331 -26.71 -6.34 -8.33
CA LEU A 331 -27.94 -6.11 -9.09
C LEU A 331 -27.97 -4.67 -9.63
N SER A 332 -27.49 -3.72 -8.83
CA SER A 332 -27.45 -2.34 -9.25
C SER A 332 -26.54 -2.20 -10.48
N TRP A 333 -25.32 -2.71 -10.35
CA TRP A 333 -24.37 -2.69 -11.45
C TRP A 333 -24.92 -3.32 -12.73
N ALA A 334 -25.71 -4.39 -12.58
CA ALA A 334 -26.22 -5.17 -13.70
C ALA A 334 -27.39 -4.38 -14.32
N ARG A 335 -28.12 -3.67 -13.48
CA ARG A 335 -29.19 -2.83 -14.03
C ARG A 335 -28.66 -1.63 -14.82
N VAL A 336 -27.43 -1.21 -14.50
CA VAL A 336 -26.87 -0.09 -15.25
C VAL A 336 -26.21 -0.57 -16.53
N HIS A 337 -25.47 -1.66 -16.43
CA HIS A 337 -24.60 -2.07 -17.52
C HIS A 337 -25.23 -3.14 -18.42
N GLU A 338 -26.27 -3.80 -17.92
CA GLU A 338 -27.04 -4.76 -18.70
C GLU A 338 -26.14 -5.81 -19.33
N PRO A 339 -25.43 -6.58 -18.49
CA PRO A 339 -24.76 -7.80 -18.94
C PRO A 339 -25.73 -8.95 -19.14
N ASP A 340 -25.29 -9.97 -19.86
CA ASP A 340 -25.85 -11.30 -19.77
C ASP A 340 -25.43 -11.94 -18.45
N MET A 341 -26.39 -12.11 -17.56
CA MET A 341 -26.13 -12.55 -16.18
C MET A 341 -25.62 -14.01 -16.13
N ASP A 342 -25.77 -14.74 -17.23
CA ASP A 342 -25.13 -16.06 -17.29
C ASP A 342 -23.61 -15.93 -17.31
N ARG A 343 -23.08 -14.75 -17.66
CA ARG A 343 -21.62 -14.54 -17.67
C ARG A 343 -21.10 -13.90 -16.40
N VAL A 344 -21.98 -13.62 -15.45
CA VAL A 344 -21.58 -12.86 -14.27
C VAL A 344 -21.49 -13.76 -13.05
N ASN A 345 -20.31 -13.80 -12.43
CA ASN A 345 -20.07 -14.66 -11.24
C ASN A 345 -20.45 -16.12 -11.44
N VAL A 346 -19.91 -16.72 -12.51
CA VAL A 346 -20.49 -17.96 -13.05
C VAL A 346 -20.17 -19.11 -12.10
N ASN A 347 -19.16 -18.92 -11.27
CA ASN A 347 -18.79 -19.93 -10.27
C ASN A 347 -19.21 -19.60 -8.86
N GLY A 348 -20.18 -18.69 -8.73
CA GLY A 348 -20.58 -18.21 -7.41
C GLY A 348 -19.82 -16.96 -7.07
N GLY A 349 -20.17 -16.37 -5.94
CA GLY A 349 -19.42 -15.24 -5.40
C GLY A 349 -19.44 -15.19 -3.90
N ALA A 350 -19.09 -14.03 -3.36
CA ALA A 350 -18.78 -13.89 -1.95
C ALA A 350 -19.93 -14.25 -1.03
N ILE A 351 -21.17 -14.19 -1.54
CA ILE A 351 -22.33 -14.61 -0.73
C ILE A 351 -22.16 -16.07 -0.31
N ALA A 352 -21.63 -16.85 -1.25
CA ALA A 352 -21.52 -18.30 -1.05
C ALA A 352 -20.09 -18.66 -0.63
N LEU A 353 -19.10 -17.94 -1.15
CA LEU A 353 -17.67 -18.39 -1.09
C LEU A 353 -16.92 -17.61 -0.01
N GLY A 354 -17.50 -16.50 0.39
CA GLY A 354 -16.93 -15.65 1.42
C GLY A 354 -15.98 -14.60 0.91
N HIS A 355 -15.71 -13.61 1.77
CA HIS A 355 -15.09 -12.35 1.40
C HIS A 355 -14.01 -11.99 2.44
N PRO A 356 -12.89 -12.71 2.42
CA PRO A 356 -11.76 -12.25 3.21
C PRO A 356 -11.18 -10.96 2.61
N VAL A 357 -11.55 -9.83 3.18
CA VAL A 357 -11.57 -8.58 2.41
C VAL A 357 -10.30 -8.28 1.59
N GLY A 358 -9.11 -8.28 2.21
CA GLY A 358 -7.95 -7.83 1.49
C GLY A 358 -7.49 -8.88 0.49
N CYS A 359 -7.94 -10.11 0.67
CA CYS A 359 -7.59 -11.18 -0.26
C CYS A 359 -8.41 -11.11 -1.56
N THR A 360 -9.70 -10.73 -1.45
CA THR A 360 -10.64 -10.95 -2.52
C THR A 360 -10.25 -10.43 -3.89
N GLY A 361 -9.74 -9.20 -3.96
CA GLY A 361 -9.28 -8.69 -5.26
C GLY A 361 -8.32 -9.62 -6.02
N SER A 362 -7.32 -10.20 -5.34
CA SER A 362 -6.42 -11.19 -5.99
C SER A 362 -7.15 -12.52 -6.29
N ARG A 363 -8.13 -12.83 -5.44
CA ARG A 363 -8.85 -14.08 -5.53
C ARG A 363 -9.76 -14.00 -6.77
N LEU A 364 -10.30 -12.82 -7.06
CA LEU A 364 -11.19 -12.73 -8.24
C LEU A 364 -10.41 -12.76 -9.54
N ILE A 365 -9.26 -12.08 -9.56
CA ILE A 365 -8.38 -12.21 -10.71
C ILE A 365 -8.01 -13.68 -10.97
N THR A 366 -7.69 -14.41 -9.90
CA THR A 366 -7.35 -15.83 -10.00
C THR A 366 -8.57 -16.62 -10.57
N THR A 367 -9.72 -16.43 -9.96
CA THR A 367 -10.92 -17.12 -10.39
C THR A 367 -11.27 -16.81 -11.84
N ALA A 368 -11.22 -15.53 -12.19
CA ALA A 368 -11.53 -15.08 -13.56
C ALA A 368 -10.60 -15.75 -14.58
N LEU A 369 -9.29 -15.65 -14.33
CA LEU A 369 -8.35 -16.19 -15.28
C LEU A 369 -8.63 -17.65 -15.52
N HIS A 370 -8.82 -18.39 -14.44
CA HIS A 370 -8.98 -19.82 -14.55
C HIS A 370 -10.26 -20.18 -15.28
N GLU A 371 -11.29 -19.34 -15.19
CA GLU A 371 -12.54 -19.60 -15.92
C GLU A 371 -12.48 -19.20 -17.41
N LEU A 372 -11.68 -18.18 -17.71
CA LEU A 372 -11.32 -17.94 -19.11
C LEU A 372 -10.63 -19.18 -19.71
N GLU A 373 -9.67 -19.75 -18.96
CA GLU A 373 -8.93 -20.90 -19.46
C GLU A 373 -9.84 -22.11 -19.60
N ARG A 374 -10.74 -22.29 -18.63
CA ARG A 374 -11.57 -23.48 -18.65
C ARG A 374 -12.55 -23.47 -19.82
N THR A 375 -12.93 -22.29 -20.29
CA THR A 375 -13.91 -22.17 -21.37
C THR A 375 -13.23 -21.74 -22.68
N ASP A 376 -11.92 -21.57 -22.65
CA ASP A 376 -11.20 -21.04 -23.79
C ASP A 376 -11.84 -19.74 -24.32
N GLN A 377 -12.07 -18.80 -23.43
CA GLN A 377 -12.55 -17.49 -23.80
C GLN A 377 -11.49 -16.41 -23.56
N SER A 378 -11.76 -15.20 -24.05
CA SER A 378 -10.72 -14.20 -24.20
CA SER A 378 -10.72 -14.21 -24.21
C SER A 378 -10.68 -13.18 -23.08
N LEU A 379 -11.83 -12.61 -22.74
CA LEU A 379 -11.79 -11.40 -21.91
C LEU A 379 -12.57 -11.54 -20.62
N ALA A 380 -12.00 -11.02 -19.55
CA ALA A 380 -12.72 -10.85 -18.34
C ALA A 380 -12.62 -9.45 -17.76
N LEU A 381 -13.65 -9.12 -17.00
CA LEU A 381 -13.75 -7.89 -16.26
C LEU A 381 -13.85 -8.27 -14.78
N ILE A 382 -13.04 -7.64 -13.95
CA ILE A 382 -13.12 -7.81 -12.49
C ILE A 382 -13.39 -6.44 -11.86
N THR A 383 -14.44 -6.38 -11.05
CA THR A 383 -14.81 -5.14 -10.47
C THR A 383 -15.32 -5.25 -9.03
N MET A 384 -14.84 -4.37 -8.15
CA MET A 384 -15.21 -4.43 -6.74
C MET A 384 -15.64 -3.09 -6.22
N CYS A 385 -16.65 -3.08 -5.35
CA CYS A 385 -16.96 -1.91 -4.54
C CYS A 385 -16.00 -1.87 -3.37
N ALA A 386 -15.85 -0.73 -2.71
CA ALA A 386 -14.86 -0.65 -1.61
C ALA A 386 -15.16 0.44 -0.61
N GLY A 387 -14.94 0.14 0.68
CA GLY A 387 -15.05 1.17 1.72
C GLY A 387 -14.25 2.42 1.41
N GLY A 388 -14.75 3.56 1.88
CA GLY A 388 -14.17 4.86 1.58
C GLY A 388 -14.75 5.39 0.26
N ALA A 389 -15.62 4.57 -0.33
CA ALA A 389 -16.32 4.92 -1.58
C ALA A 389 -15.25 4.93 -2.68
N LEU A 390 -14.82 3.73 -3.02
CA LEU A 390 -13.86 3.57 -4.09
C LEU A 390 -14.30 2.35 -4.88
N SER A 391 -13.68 2.14 -6.04
CA SER A 391 -13.94 0.91 -6.79
C SER A 391 -12.76 0.60 -7.67
N THR A 392 -12.39 -0.68 -7.74
CA THR A 392 -11.27 -1.14 -8.59
C THR A 392 -11.89 -1.84 -9.81
N GLY A 393 -11.30 -1.65 -10.98
CA GLY A 393 -11.74 -2.38 -12.18
C GLY A 393 -10.55 -2.86 -12.99
N THR A 394 -10.66 -4.06 -13.56
CA THR A 394 -9.61 -4.58 -14.46
C THR A 394 -10.34 -5.29 -15.59
N ILE A 395 -9.84 -5.10 -16.80
CA ILE A 395 -10.10 -6.04 -17.88
C ILE A 395 -8.80 -6.79 -18.17
N ILE A 396 -8.86 -8.10 -18.06
CA ILE A 396 -7.79 -8.95 -18.55
C ILE A 396 -8.13 -9.73 -19.80
N GLU A 397 -7.09 -10.10 -20.54
CA GLU A 397 -7.27 -10.78 -21.81
C GLU A 397 -6.37 -12.00 -21.76
N ARG A 398 -6.90 -13.20 -22.07
CA ARG A 398 -6.07 -14.41 -22.14
C ARG A 398 -5.05 -14.28 -23.26
N ILE A 399 -3.83 -14.72 -23.00
CA ILE A 399 -2.83 -14.86 -24.02
C ILE A 399 -2.77 -16.36 -24.33
N SER B 8 6.94 3.00 -21.94
CA SER B 8 5.75 2.26 -22.46
C SER B 8 4.61 3.17 -22.93
N MET B 9 3.48 3.09 -22.22
CA MET B 9 2.32 3.88 -22.60
CA MET B 9 2.30 3.86 -22.57
C MET B 9 2.18 5.14 -21.75
N GLY B 10 3.20 5.42 -20.93
CA GLY B 10 3.38 6.74 -20.29
C GLY B 10 4.85 7.08 -20.00
N TYR B 11 5.12 8.37 -19.75
CA TYR B 11 6.47 8.82 -19.41
CA TYR B 11 6.48 8.84 -19.45
C TYR B 11 6.48 9.75 -18.21
N PRO B 12 6.58 9.18 -17.01
CA PRO B 12 6.27 9.92 -15.79
C PRO B 12 7.34 10.95 -15.42
N VAL B 13 6.92 12.19 -15.18
CA VAL B 13 7.80 13.23 -14.72
C VAL B 13 7.14 13.94 -13.53
N ILE B 14 7.98 14.43 -12.64
CA ILE B 14 7.56 15.29 -11.52
C ILE B 14 7.31 16.70 -12.03
N VAL B 15 6.12 17.25 -11.76
CA VAL B 15 5.89 18.63 -12.08
C VAL B 15 5.87 19.57 -10.87
N GLU B 16 5.62 19.03 -9.69
CA GLU B 16 5.50 19.89 -8.48
C GLU B 16 5.76 19.01 -7.30
N ALA B 17 6.38 19.57 -6.26
CA ALA B 17 6.60 18.81 -5.02
C ALA B 17 6.68 19.77 -3.83
N THR B 18 6.08 19.38 -2.71
CA THR B 18 5.91 20.29 -1.60
C THR B 18 5.78 19.52 -0.30
N ARG B 19 6.07 20.15 0.83
CA ARG B 19 6.00 19.40 2.10
C ARG B 19 5.54 20.39 3.14
N SER B 20 4.85 19.91 4.18
CA SER B 20 4.69 20.74 5.35
C SER B 20 6.08 20.99 6.01
N PRO B 21 6.14 22.02 6.86
CA PRO B 21 7.21 22.01 7.87
C PRO B 21 7.06 20.81 8.79
N ILE B 22 8.17 20.38 9.33
CA ILE B 22 8.14 19.22 10.19
C ILE B 22 8.06 19.66 11.64
N GLY B 23 6.99 19.26 12.33
CA GLY B 23 6.81 19.60 13.72
C GLY B 23 7.38 18.55 14.67
N LYS B 24 7.80 19.01 15.85
CA LYS B 24 8.25 18.10 16.88
C LYS B 24 7.05 17.42 17.53
N ARG B 25 7.31 16.26 18.13
CA ARG B 25 6.32 15.56 18.94
C ARG B 25 5.66 16.45 19.98
N ASN B 26 4.33 16.49 19.96
CA ASN B 26 3.55 17.46 20.73
C ASN B 26 3.93 18.91 20.45
N GLY B 27 4.29 19.20 19.20
CA GLY B 27 4.76 20.52 18.85
C GLY B 27 3.79 21.26 17.96
N TRP B 28 4.35 21.92 16.93
CA TRP B 28 3.59 22.92 16.18
C TRP B 28 2.42 22.37 15.38
N LEU B 29 2.53 21.12 14.92
CA LEU B 29 1.44 20.54 14.08
C LEU B 29 0.56 19.55 14.84
N SER B 30 0.83 19.41 16.13
CA SER B 30 0.21 18.35 16.92
C SER B 30 -1.31 18.54 17.12
N GLY B 31 -1.79 19.77 16.90
CA GLY B 31 -3.24 20.06 17.04
C GLY B 31 -4.06 19.69 15.81
N LEU B 32 -3.40 19.26 14.74
CA LEU B 32 -4.11 18.78 13.55
C LEU B 32 -4.44 17.29 13.63
N HIS B 33 -5.60 16.96 13.09
CA HIS B 33 -5.97 15.59 12.83
C HIS B 33 -5.08 15.06 11.69
N ALA B 34 -4.62 13.80 11.80
CA ALA B 34 -3.66 13.29 10.81
C ALA B 34 -4.26 13.49 9.40
N THR B 35 -5.58 13.34 9.27
CA THR B 35 -6.20 13.50 7.95
C THR B 35 -6.19 14.96 7.45
N GLU B 36 -6.25 15.93 8.34
CA GLU B 36 -6.19 17.36 7.95
C GLU B 36 -4.80 17.74 7.52
N LEU B 37 -3.82 17.21 8.23
CA LEU B 37 -2.42 17.45 7.88
C LEU B 37 -2.10 16.92 6.47
N LEU B 38 -2.44 15.66 6.18
CA LEU B 38 -2.22 15.13 4.83
C LEU B 38 -3.05 15.87 3.79
N GLY B 39 -4.35 16.06 4.09
CA GLY B 39 -5.22 16.74 3.15
C GLY B 39 -4.68 18.11 2.76
N ALA B 40 -4.25 18.90 3.74
CA ALA B 40 -3.69 20.21 3.42
C ALA B 40 -2.51 20.12 2.44
N VAL B 41 -1.68 19.08 2.53
CA VAL B 41 -0.51 19.02 1.66
C VAL B 41 -0.87 18.43 0.29
N GLN B 42 -1.86 17.56 0.26
CA GLN B 42 -2.36 17.08 -1.03
C GLN B 42 -2.89 18.31 -1.78
N LYS B 43 -3.78 19.05 -1.13
CA LYS B 43 -4.34 20.26 -1.73
C LYS B 43 -3.22 21.22 -2.16
N ALA B 44 -2.24 21.43 -1.26
CA ALA B 44 -1.17 22.36 -1.55
C ALA B 44 -0.42 22.00 -2.82
N VAL B 45 -0.15 20.72 -3.07
CA VAL B 45 0.69 20.33 -4.22
C VAL B 45 -0.05 20.54 -5.55
N VAL B 46 -1.38 20.44 -5.49
CA VAL B 46 -2.20 20.77 -6.63
C VAL B 46 -2.19 22.28 -6.87
N ASP B 47 -2.45 23.04 -5.82
CA ASP B 47 -2.44 24.49 -5.91
C ASP B 47 -1.10 25.02 -6.43
N LYS B 48 0.00 24.35 -6.10
CA LYS B 48 1.32 24.83 -6.55
C LYS B 48 1.48 24.79 -8.07
N ALA B 49 0.65 24.02 -8.76
CA ALA B 49 0.67 24.02 -10.23
C ALA B 49 0.25 25.37 -10.79
N GLY B 50 -0.55 26.09 -10.02
CA GLY B 50 -0.92 27.46 -10.39
C GLY B 50 -2.15 27.56 -11.31
N ILE B 51 -2.71 28.76 -11.37
CA ILE B 51 -3.67 29.09 -12.42
C ILE B 51 -3.04 28.99 -13.81
N GLN B 52 -1.77 29.32 -13.94
CA GLN B 52 -1.15 29.32 -15.26
C GLN B 52 -0.94 27.90 -15.78
N SER B 53 -1.26 26.91 -14.95
CA SER B 53 -1.24 25.53 -15.42
C SER B 53 -2.58 25.10 -16.02
N GLY B 54 -3.68 25.75 -15.63
CA GLY B 54 -5.02 25.15 -15.84
C GLY B 54 -5.24 23.75 -15.24
N LEU B 55 -4.37 23.29 -14.34
CA LEU B 55 -4.64 22.01 -13.70
C LEU B 55 -5.55 22.13 -12.47
N HIS B 56 -6.45 21.17 -12.29
CA HIS B 56 -7.38 21.19 -11.14
C HIS B 56 -7.26 19.87 -10.38
N ALA B 57 -7.66 19.87 -9.11
CA ALA B 57 -7.54 18.66 -8.29
C ALA B 57 -8.24 17.46 -8.93
N GLY B 58 -9.33 17.71 -9.66
CA GLY B 58 -10.07 16.61 -10.25
C GLY B 58 -9.48 16.07 -11.55
N ASP B 59 -8.38 16.68 -12.03
CA ASP B 59 -7.56 16.08 -13.09
C ASP B 59 -6.61 14.99 -12.54
N VAL B 60 -6.47 14.92 -11.24
CA VAL B 60 -5.69 13.83 -10.63
C VAL B 60 -6.48 12.53 -10.70
N GLU B 61 -5.86 11.45 -11.15
CA GLU B 61 -6.60 10.21 -11.30
C GLU B 61 -6.46 9.32 -10.05
N GLN B 62 -5.25 9.26 -9.50
CA GLN B 62 -4.99 8.46 -8.30
C GLN B 62 -4.01 9.15 -7.36
N VAL B 63 -4.17 8.84 -6.08
CA VAL B 63 -3.25 9.32 -5.06
C VAL B 63 -2.74 8.08 -4.35
N ILE B 64 -1.42 8.00 -4.11
CA ILE B 64 -0.97 6.90 -3.27
C ILE B 64 -0.14 7.53 -2.17
N GLY B 65 -0.49 7.31 -0.91
CA GLY B 65 0.30 7.88 0.21
C GLY B 65 0.89 6.83 1.14
N GLY B 66 2.13 7.04 1.57
CA GLY B 66 2.73 6.20 2.59
C GLY B 66 2.30 6.57 4.01
N CYS B 67 2.14 5.55 4.85
CA CYS B 67 1.84 5.79 6.26
C CYS B 67 2.23 4.48 6.96
N VAL B 68 3.00 4.58 8.03
CA VAL B 68 3.40 3.40 8.76
C VAL B 68 2.38 2.93 9.77
N THR B 69 1.94 3.78 10.69
CA THR B 69 1.15 3.23 11.79
C THR B 69 -0.32 3.46 11.47
N GLN B 70 -0.94 2.51 10.78
CA GLN B 70 -2.27 2.77 10.21
C GLN B 70 -3.31 2.36 11.21
N PHE B 71 -3.35 3.14 12.29
CA PHE B 71 -4.27 2.89 13.40
C PHE B 71 -5.06 4.18 13.68
N GLY B 72 -6.33 4.04 14.09
CA GLY B 72 -7.12 5.20 14.52
C GLY B 72 -7.18 6.27 13.43
N GLU B 73 -6.76 7.50 13.74
CA GLU B 73 -6.77 8.60 12.76
C GLU B 73 -6.09 8.18 11.45
N GLN B 74 -5.04 7.35 11.57
CA GLN B 74 -4.27 6.91 10.41
C GLN B 74 -4.73 5.60 9.77
N SER B 75 -5.86 5.07 10.21
CA SER B 75 -6.39 3.82 9.65
C SER B 75 -7.36 4.07 8.50
N ASN B 76 -7.81 3.00 7.86
CA ASN B 76 -8.98 3.11 6.95
C ASN B 76 -8.62 3.93 5.71
N ASN B 77 -7.40 3.74 5.19
CA ASN B 77 -6.93 4.37 3.97
C ASN B 77 -6.94 5.87 4.19
N ILE B 78 -5.95 6.35 4.94
CA ILE B 78 -5.83 7.75 5.25
C ILE B 78 -5.65 8.62 4.01
N SER B 79 -5.05 8.08 2.97
CA SER B 79 -4.86 8.84 1.73
C SER B 79 -6.21 9.25 1.14
N ARG B 80 -7.16 8.34 1.17
CA ARG B 80 -8.53 8.65 0.71
C ARG B 80 -9.24 9.59 1.67
N VAL B 81 -9.30 9.20 2.95
CA VAL B 81 -9.94 10.05 3.96
C VAL B 81 -9.45 11.52 3.96
N ALA B 82 -8.13 11.73 3.96
CA ALA B 82 -7.58 13.05 3.82
C ALA B 82 -8.12 13.78 2.59
N TRP B 83 -8.06 13.14 1.43
CA TRP B 83 -8.45 13.80 0.17
C TRP B 83 -9.92 14.24 0.27
N LEU B 84 -10.75 13.42 0.89
CA LEU B 84 -12.16 13.81 1.04
C LEU B 84 -12.32 14.90 2.09
N THR B 85 -11.52 14.82 3.14
CA THR B 85 -11.63 15.76 4.25
C THR B 85 -11.20 17.16 3.80
N ALA B 86 -10.24 17.23 2.89
CA ALA B 86 -9.78 18.52 2.38
C ALA B 86 -10.76 19.11 1.35
N GLY B 87 -11.91 18.48 1.16
CA GLY B 87 -12.89 18.98 0.18
C GLY B 87 -12.53 18.70 -1.28
N LEU B 88 -11.64 17.76 -1.54
CA LEU B 88 -11.19 17.50 -2.93
C LEU B 88 -12.12 16.51 -3.65
N PRO B 89 -12.03 16.44 -4.99
CA PRO B 89 -13.16 15.80 -5.68
C PRO B 89 -13.23 14.29 -5.46
N GLU B 90 -14.45 13.77 -5.33
CA GLU B 90 -14.65 12.40 -4.83
CA GLU B 90 -14.70 12.40 -4.84
C GLU B 90 -14.23 11.32 -5.83
N HIS B 91 -14.24 11.65 -7.13
CA HIS B 91 -14.00 10.62 -8.17
C HIS B 91 -12.52 10.21 -8.25
N VAL B 92 -11.69 10.89 -7.46
CA VAL B 92 -10.22 10.57 -7.49
C VAL B 92 -9.92 9.30 -6.65
N GLY B 93 -9.22 8.31 -7.20
CA GLY B 93 -8.97 7.09 -6.42
C GLY B 93 -7.80 7.31 -5.46
N ALA B 94 -7.70 6.50 -4.41
CA ALA B 94 -6.57 6.68 -3.46
C ALA B 94 -6.26 5.37 -2.73
N THR B 95 -4.98 5.17 -2.41
CA THR B 95 -4.50 3.92 -1.79
C THR B 95 -3.39 4.34 -0.82
N THR B 96 -3.29 3.64 0.29
CA THR B 96 -2.31 3.94 1.29
C THR B 96 -1.38 2.72 1.30
N VAL B 97 -0.09 2.97 1.48
CA VAL B 97 0.91 1.90 1.40
C VAL B 97 1.81 1.87 2.63
N ASP B 98 2.32 0.69 2.95
CA ASP B 98 3.20 0.49 4.12
C ASP B 98 4.38 -0.40 3.67
N CYS B 99 5.55 0.19 3.47
CA CYS B 99 6.76 -0.64 3.61
C CYS B 99 7.61 -0.05 4.71
N GLN B 100 6.94 0.23 5.82
CA GLN B 100 7.51 0.92 6.95
C GLN B 100 8.16 2.24 6.55
N CYS B 101 9.43 2.39 6.90
CA CYS B 101 10.08 3.67 6.79
C CYS B 101 10.09 4.21 5.35
N SCY B 101 9.59 2.52 6.86
CA SCY B 101 10.09 3.88 6.61
CB SCY B 101 11.57 3.84 7.06
SG SCY B 101 11.73 4.12 8.85
CD SCY B 101 11.21 2.62 9.43
OCD SCY B 101 11.47 1.76 8.64
CE SCY B 101 10.41 2.35 10.71
C SCY B 101 10.07 4.11 5.11
O SCY B 101 10.29 5.27 4.68
N GLY B 102 10.23 3.31 4.37
CA GLY B 102 10.33 3.71 2.96
C GLY B 102 8.97 3.99 2.31
N SER B 103 7.90 3.92 3.08
CA SER B 103 6.52 4.01 2.45
C SER B 103 6.39 5.21 1.51
N GLY B 104 6.81 6.39 1.99
CA GLY B 104 6.62 7.64 1.21
C GLY B 104 7.42 7.68 -0.08
N GLN B 105 8.49 6.91 -0.11
CA GLN B 105 9.32 6.85 -1.32
C GLN B 105 8.72 5.85 -2.29
N GLN B 106 8.38 4.68 -1.79
CA GLN B 106 7.70 3.66 -2.58
C GLN B 106 6.35 4.19 -3.14
N ALA B 107 5.71 5.09 -2.42
CA ALA B 107 4.53 5.76 -2.99
C ALA B 107 4.83 6.51 -4.32
N ASN B 108 5.98 7.16 -4.41
CA ASN B 108 6.41 7.75 -5.67
C ASN B 108 6.70 6.72 -6.75
N HIS B 109 7.40 5.65 -6.37
CA HIS B 109 7.74 4.58 -7.32
C HIS B 109 6.43 4.02 -7.94
N LEU B 110 5.46 3.81 -7.09
CA LEU B 110 4.20 3.18 -7.54
C LEU B 110 3.39 4.08 -8.47
N ILE B 111 3.34 5.38 -8.16
CA ILE B 111 2.67 6.34 -9.05
C ILE B 111 3.35 6.41 -10.41
N ALA B 112 4.67 6.47 -10.43
CA ALA B 112 5.38 6.49 -11.69
C ALA B 112 5.09 5.22 -12.47
N GLY B 113 5.03 4.07 -11.79
CA GLY B 113 4.72 2.85 -12.47
C GLY B 113 3.32 2.90 -13.11
N LEU B 114 2.33 3.45 -12.42
CA LEU B 114 0.96 3.47 -13.02
C LEU B 114 0.92 4.40 -14.25
N ILE B 115 1.66 5.51 -14.21
CA ILE B 115 1.86 6.35 -15.40
C ILE B 115 2.61 5.62 -16.52
N ALA B 116 3.78 5.03 -16.20
CA ALA B 116 4.45 4.19 -17.21
C ALA B 116 3.49 3.20 -17.89
N ALA B 117 2.64 2.56 -17.10
CA ALA B 117 1.72 1.55 -17.63
C ALA B 117 0.57 2.13 -18.45
N GLY B 118 0.42 3.44 -18.45
CA GLY B 118 -0.72 4.05 -19.15
C GLY B 118 -2.03 3.88 -18.41
N ALA B 119 -1.96 3.54 -17.12
CA ALA B 119 -3.19 3.39 -16.32
C ALA B 119 -3.69 4.77 -15.89
N ILE B 120 -2.77 5.70 -15.64
CA ILE B 120 -3.14 7.08 -15.31
C ILE B 120 -2.24 8.06 -16.05
N ASP B 121 -2.69 9.31 -16.15
CA ASP B 121 -1.85 10.40 -16.72
C ASP B 121 -1.33 11.39 -15.68
N VAL B 122 -2.04 11.49 -14.57
CA VAL B 122 -1.75 12.45 -13.51
C VAL B 122 -1.91 11.70 -12.16
N GLY B 123 -0.88 11.75 -11.33
CA GLY B 123 -0.97 11.16 -10.02
C GLY B 123 -0.38 12.02 -8.92
N ILE B 124 -0.70 11.68 -7.68
CA ILE B 124 -0.02 12.24 -6.53
C ILE B 124 0.55 11.14 -5.62
N ALA B 125 1.84 11.24 -5.38
CA ALA B 125 2.49 10.39 -4.38
C ALA B 125 2.70 11.22 -3.13
N CYS B 126 2.35 10.68 -1.96
CA CYS B 126 2.46 11.48 -0.76
C CYS B 126 2.83 10.60 0.45
N GLY B 127 3.03 11.21 1.60
CA GLY B 127 3.27 10.44 2.83
C GLY B 127 2.86 11.28 4.01
N ILE B 128 2.39 10.63 5.07
CA ILE B 128 1.93 11.32 6.27
C ILE B 128 2.46 10.53 7.48
N GLU B 129 2.83 11.21 8.55
CA GLU B 129 2.86 10.58 9.87
C GLU B 129 2.63 11.65 10.91
N ALA B 130 1.55 11.49 11.66
CA ALA B 130 1.27 12.38 12.77
C ALA B 130 1.62 11.65 14.05
N MET B 131 2.92 11.57 14.36
CA MET B 131 3.37 10.75 15.47
C MET B 131 2.95 11.30 16.83
N SER B 132 2.62 12.59 16.91
CA SER B 132 2.03 13.11 18.12
C SER B 132 0.69 12.42 18.37
N ARG B 133 -0.01 12.08 17.31
CA ARG B 133 -1.40 11.65 17.46
C ARG B 133 -1.46 10.11 17.54
N VAL B 134 -0.69 9.49 16.66
CA VAL B 134 -0.70 8.04 16.55
C VAL B 134 0.74 7.57 16.62
N GLY B 135 1.14 7.09 17.80
CA GLY B 135 2.57 6.81 18.06
C GLY B 135 2.94 5.42 17.56
N LEU B 136 4.23 5.20 17.37
CA LEU B 136 4.72 3.92 16.89
C LEU B 136 4.21 2.82 17.79
N GLY B 137 3.78 1.70 17.21
CA GLY B 137 3.24 0.62 18.07
C GLY B 137 1.77 0.72 18.42
N ALA B 138 1.09 1.79 18.02
CA ALA B 138 -0.38 1.82 18.20
C ALA B 138 -1.12 0.74 17.38
N ASN B 139 -0.52 0.31 16.28
CA ASN B 139 -1.09 -0.67 15.37
C ASN B 139 -0.95 -2.14 15.82
N ALA B 140 -0.47 -2.34 17.06
CA ALA B 140 -0.70 -3.62 17.73
C ALA B 140 -0.95 -3.49 19.21
N GLY B 141 -1.54 -4.50 19.80
CA GLY B 141 -1.70 -4.57 21.25
C GLY B 141 -0.36 -4.66 21.98
N PRO B 142 -0.42 -4.71 23.32
CA PRO B 142 0.75 -4.52 24.20
C PRO B 142 1.77 -5.66 24.12
N ASP B 143 1.31 -6.91 24.00
CA ASP B 143 2.22 -8.03 23.82
C ASP B 143 2.61 -8.20 22.35
N ARG B 144 3.74 -7.61 21.98
CA ARG B 144 4.12 -7.54 20.57
C ARG B 144 4.67 -8.87 20.07
N SER B 145 4.85 -9.84 20.98
CA SER B 145 5.21 -11.19 20.57
C SER B 145 4.09 -11.84 19.75
N LEU B 146 2.87 -11.37 19.94
CA LEU B 146 1.73 -11.98 19.27
C LEU B 146 1.67 -11.67 17.76
N ILE B 147 2.41 -10.67 17.31
CA ILE B 147 2.24 -10.21 15.93
C ILE B 147 3.00 -11.05 14.89
N ARG B 148 3.92 -11.88 15.39
CA ARG B 148 4.66 -12.83 14.55
C ARG B 148 4.27 -14.24 14.93
N ALA B 149 4.34 -15.16 13.99
CA ALA B 149 3.96 -16.53 14.27
C ALA B 149 4.93 -17.17 15.26
N GLN B 150 4.46 -18.20 15.93
CA GLN B 150 5.28 -18.95 16.87
C GLN B 150 6.52 -19.55 16.19
N SER B 151 6.44 -19.78 14.89
CA SER B 151 7.55 -20.41 14.17
C SER B 151 8.68 -19.42 13.87
N TRP B 152 8.44 -18.13 14.06
CA TRP B 152 9.41 -17.08 13.72
C TRP B 152 10.75 -17.27 14.42
N ASP B 153 11.85 -17.13 13.67
CA ASP B 153 13.17 -17.41 14.19
C ASP B 153 14.25 -16.64 13.45
N ILE B 154 13.88 -15.49 12.92
CA ILE B 154 14.83 -14.61 12.29
C ILE B 154 15.35 -13.58 13.30
N ASP B 155 16.66 -13.51 13.45
CA ASP B 155 17.28 -12.52 14.32
C ASP B 155 17.02 -11.14 13.72
N LEU B 156 15.86 -10.57 13.99
CA LEU B 156 15.60 -9.19 13.58
C LEU B 156 15.52 -8.29 14.82
N PRO B 157 16.54 -7.45 15.03
CA PRO B 157 16.64 -6.71 16.28
C PRO B 157 15.69 -5.52 16.26
N ASN B 158 15.44 -4.92 17.42
CA ASN B 158 14.76 -3.62 17.38
C ASN B 158 15.75 -2.58 16.82
N GLN B 159 15.24 -1.45 16.39
CA GLN B 159 16.03 -0.49 15.60
C GLN B 159 17.18 0.15 16.38
N PHE B 160 17.00 0.36 17.68
CA PHE B 160 18.07 0.83 18.53
C PHE B 160 19.24 -0.14 18.67
N GLU B 161 18.95 -1.43 18.87
CA GLU B 161 20.01 -2.45 18.82
C GLU B 161 20.61 -2.65 17.42
N ALA B 162 19.79 -2.53 16.39
CA ALA B 162 20.26 -2.53 15.01
C ALA B 162 21.36 -1.48 14.77
N ALA B 163 21.10 -0.23 15.15
CA ALA B 163 22.10 0.84 15.01
C ALA B 163 23.41 0.56 15.72
N GLU B 164 23.36 -0.04 16.90
CA GLU B 164 24.57 -0.42 17.56
C GLU B 164 25.33 -1.52 16.83
N ARG B 165 24.61 -2.51 16.32
CA ARG B 165 25.25 -3.65 15.67
C ARG B 165 25.98 -3.14 14.41
N ILE B 166 25.31 -2.25 13.71
CA ILE B 166 25.87 -1.60 12.53
C ILE B 166 27.12 -0.79 12.89
N ALA B 167 27.07 -0.02 13.98
CA ALA B 167 28.24 0.75 14.42
C ALA B 167 29.38 -0.19 14.74
N LYS B 168 29.06 -1.31 15.39
CA LYS B 168 30.16 -2.19 15.79
C LYS B 168 30.78 -2.86 14.57
N ARG B 169 29.95 -3.22 13.61
CA ARG B 169 30.41 -3.87 12.38
C ARG B 169 31.33 -2.95 11.56
N ARG B 170 31.08 -1.66 11.65
CA ARG B 170 31.82 -0.66 10.89
C ARG B 170 32.94 0.04 11.71
N GLY B 171 33.04 -0.26 12.99
CA GLY B 171 33.96 0.48 13.85
C GLY B 171 33.63 1.96 14.01
N ILE B 172 32.35 2.25 14.12
CA ILE B 172 31.88 3.61 14.33
C ILE B 172 31.79 3.93 15.83
N THR B 173 32.36 5.06 16.26
CA THR B 173 32.45 5.41 17.68
C THR B 173 31.44 6.48 18.12
N ARG B 174 31.25 6.60 19.43
CA ARG B 174 30.57 7.77 20.01
C ARG B 174 30.98 9.10 19.37
N GLU B 175 32.27 9.38 19.36
CA GLU B 175 32.76 10.60 18.69
C GLU B 175 32.26 10.71 17.25
N ASP B 176 32.43 9.63 16.48
CA ASP B 176 32.11 9.68 15.07
C ASP B 176 30.64 10.11 14.89
N VAL B 177 29.73 9.52 15.66
CA VAL B 177 28.31 9.86 15.50
C VAL B 177 28.00 11.27 16.01
N ASP B 178 28.68 11.69 17.06
CA ASP B 178 28.46 13.05 17.52
C ASP B 178 28.88 14.09 16.48
N VAL B 179 30.04 13.90 15.88
CA VAL B 179 30.49 14.76 14.81
C VAL B 179 29.37 14.81 13.74
N PHE B 180 28.84 13.65 13.37
CA PHE B 180 27.83 13.60 12.32
C PHE B 180 26.54 14.32 12.76
N GLY B 181 26.11 14.11 14.00
CA GLY B 181 24.86 14.70 14.45
C GLY B 181 25.06 16.20 14.47
N LEU B 182 26.24 16.65 14.89
CA LEU B 182 26.49 18.09 14.93
C LEU B 182 26.36 18.72 13.55
N GLU B 183 26.87 18.04 12.54
CA GLU B 183 26.92 18.61 11.22
C GLU B 183 25.52 18.53 10.61
N SER B 184 24.71 17.60 11.08
CA SER B 184 23.29 17.60 10.63
C SER B 184 22.59 18.89 11.09
N GLN B 185 22.74 19.22 12.37
CA GLN B 185 22.14 20.45 12.88
C GLN B 185 22.75 21.66 12.18
N ARG B 186 24.06 21.65 11.97
CA ARG B 186 24.70 22.82 11.38
C ARG B 186 24.17 23.05 9.98
N ARG B 187 24.11 22.01 9.18
CA ARG B 187 23.69 22.16 7.79
C ARG B 187 22.17 22.49 7.66
N ALA B 188 21.37 21.91 8.54
CA ALA B 188 19.95 22.30 8.56
C ALA B 188 19.79 23.81 8.91
N GLN B 189 20.61 24.31 9.83
CA GLN B 189 20.52 25.70 10.27
C GLN B 189 21.05 26.64 9.17
N ARG B 190 22.15 26.24 8.51
CA ARG B 190 22.55 26.92 7.28
C ARG B 190 21.42 27.02 6.26
N ALA B 191 20.72 25.92 6.05
CA ALA B 191 19.73 25.85 4.99
C ALA B 191 18.60 26.82 5.33
N TRP B 192 18.18 26.80 6.58
CA TRP B 192 17.12 27.73 7.00
C TRP B 192 17.54 29.17 6.96
N ALA B 193 18.77 29.45 7.39
CA ALA B 193 19.31 30.79 7.32
C ALA B 193 19.29 31.29 5.90
N GLU B 194 19.61 30.43 4.95
CA GLU B 194 19.80 30.89 3.58
C GLU B 194 18.49 30.83 2.80
N GLY B 195 17.45 30.31 3.42
CA GLY B 195 16.15 30.15 2.75
C GLY B 195 16.06 29.04 1.71
N ARG B 196 16.91 28.00 1.81
CA ARG B 196 16.86 26.89 0.86
C ARG B 196 15.53 26.13 0.85
N PHE B 197 14.84 26.07 1.98
CA PHE B 197 13.59 25.30 2.04
C PHE B 197 12.35 26.14 1.65
N ASP B 198 12.57 27.39 1.26
CA ASP B 198 11.47 28.32 1.14
C ASP B 198 10.61 27.96 -0.09
N ARG B 199 11.24 27.41 -1.13
CA ARG B 199 10.45 26.91 -2.27
C ARG B 199 9.63 25.68 -1.94
N GLU B 200 10.19 24.74 -1.18
CA GLU B 200 9.56 23.45 -1.06
C GLU B 200 8.47 23.39 0.02
N ILE B 201 8.43 24.36 0.91
CA ILE B 201 7.51 24.26 2.03
C ILE B 201 6.14 24.87 1.73
N SER B 202 5.07 24.18 2.10
CA SER B 202 3.72 24.83 2.12
C SER B 202 3.35 25.07 3.58
N PRO B 203 3.27 26.32 3.97
CA PRO B 203 2.93 26.65 5.35
C PRO B 203 1.53 26.11 5.66
N ILE B 204 1.31 25.62 6.86
CA ILE B 204 0.09 24.89 7.22
CA ILE B 204 0.08 24.93 7.19
C ILE B 204 -0.55 25.58 8.42
N GLN B 205 -1.84 25.89 8.31
CA GLN B 205 -2.59 26.42 9.44
C GLN B 205 -2.77 25.32 10.47
N ALA B 206 -2.40 25.61 11.72
CA ALA B 206 -2.62 24.66 12.82
C ALA B 206 -3.05 25.39 14.09
N PRO B 207 -3.91 24.75 14.91
CA PRO B 207 -4.20 25.34 16.20
C PRO B 207 -3.01 25.27 17.15
N VAL B 208 -2.89 26.27 18.01
CA VAL B 208 -1.87 26.25 19.06
C VAL B 208 -2.33 25.41 20.26
N LEU B 209 -1.53 24.43 20.66
CA LEU B 209 -1.74 23.69 21.92
C LEU B 209 -0.70 24.08 22.97
N ASP B 210 -1.14 24.19 24.24
CA ASP B 210 -0.24 24.49 25.34
C ASP B 210 0.48 23.23 25.83
N GLU B 211 1.23 23.36 26.92
CA GLU B 211 2.10 22.28 27.38
C GLU B 211 1.31 21.06 27.81
N GLN B 212 0.01 21.22 28.02
CA GLN B 212 -0.84 20.09 28.40
C GLN B 212 -1.60 19.58 27.19
N ASN B 213 -1.23 20.09 26.03
CA ASN B 213 -1.83 19.66 24.77
C ASN B 213 -3.26 20.21 24.61
N GLN B 214 -3.55 21.34 25.26
CA GLN B 214 -4.90 21.92 25.22
C GLN B 214 -4.88 23.16 24.33
N PRO B 215 -5.96 23.35 23.52
CA PRO B 215 -6.07 24.49 22.62
C PRO B 215 -6.15 25.80 23.38
N THR B 216 -5.49 26.82 22.86
CA THR B 216 -5.50 28.14 23.49
C THR B 216 -6.50 29.05 22.82
N GLY B 217 -6.99 28.64 21.66
CA GLY B 217 -7.81 29.54 20.84
C GLY B 217 -7.10 30.06 19.60
N GLU B 218 -5.80 30.32 19.69
CA GLU B 218 -5.07 30.83 18.52
C GLU B 218 -4.66 29.76 17.49
N ARG B 219 -4.58 30.18 16.23
CA ARG B 219 -4.01 29.38 15.14
C ARG B 219 -2.75 30.08 14.59
N ARG B 220 -1.71 29.30 14.23
CA ARG B 220 -0.54 29.82 13.44
C ARG B 220 -0.63 29.26 12.01
N LEU B 221 -0.18 30.02 11.01
CA LEU B 221 0.37 29.44 9.77
C LEU B 221 1.82 29.00 10.01
N VAL B 222 2.05 27.69 10.07
CA VAL B 222 3.33 27.17 10.52
C VAL B 222 4.17 27.05 9.24
N PHE B 223 5.38 27.62 9.24
CA PHE B 223 6.22 27.54 8.05
C PHE B 223 7.65 27.10 8.30
N ARG B 224 7.99 26.83 9.57
CA ARG B 224 9.38 26.51 9.91
C ARG B 224 9.50 25.12 10.55
N ASP B 225 10.51 24.33 10.14
CA ASP B 225 10.85 23.06 10.77
C ASP B 225 11.19 23.28 12.24
N GLN B 226 10.67 22.44 13.13
CA GLN B 226 10.76 22.73 14.56
C GLN B 226 12.02 22.14 15.20
N GLY B 227 12.68 21.21 14.52
CA GLY B 227 13.62 20.30 15.17
C GLY B 227 15.01 20.92 15.35
N LEU B 228 15.23 22.08 14.76
CA LEU B 228 16.60 22.66 14.79
C LEU B 228 16.86 23.18 16.18
N ARG B 229 18.11 23.08 16.64
CA ARG B 229 18.44 23.73 17.87
C ARG B 229 19.95 23.91 18.04
N GLU B 230 20.30 24.84 18.91
CA GLU B 230 21.69 25.09 19.23
C GLU B 230 22.34 23.80 19.70
N THR B 231 23.36 23.34 18.97
CA THR B 231 24.01 22.07 19.26
C THR B 231 25.52 22.27 19.29
N THR B 232 26.19 21.72 20.30
CA THR B 232 27.67 21.72 20.36
C THR B 232 28.21 20.31 20.64
N MET B 233 29.47 20.07 20.28
CA MET B 233 30.12 18.79 20.56
C MET B 233 30.02 18.49 22.06
N ALA B 234 30.41 19.45 22.87
CA ALA B 234 30.35 19.25 24.31
C ALA B 234 28.93 18.85 24.70
N GLY B 235 27.94 19.61 24.23
CA GLY B 235 26.53 19.28 24.45
C GLY B 235 26.17 17.85 24.06
N LEU B 236 26.57 17.44 22.86
CA LEU B 236 26.30 16.09 22.42
C LEU B 236 27.02 15.06 23.29
N GLY B 237 28.20 15.43 23.78
CA GLY B 237 28.99 14.56 24.66
C GLY B 237 28.34 14.24 25.98
N GLU B 238 27.42 15.10 26.42
CA GLU B 238 26.82 14.94 27.73
C GLU B 238 25.61 14.03 27.68
N LEU B 239 25.07 13.80 26.49
CA LEU B 239 23.82 13.07 26.39
C LEU B 239 24.01 11.59 26.73
N LYS B 240 23.00 11.03 27.38
CA LYS B 240 23.00 9.61 27.74
C LYS B 240 22.49 8.77 26.57
N PRO B 241 23.16 7.64 26.31
CA PRO B 241 22.78 6.79 25.17
C PRO B 241 21.42 6.15 25.39
N VAL B 242 20.68 5.86 24.32
CA VAL B 242 19.36 5.25 24.46
C VAL B 242 19.45 3.85 25.06
N LEU B 243 20.46 3.09 24.65
CA LEU B 243 20.75 1.79 25.24
C LEU B 243 21.98 1.88 26.13
N GLU B 244 22.01 1.04 27.15
CA GLU B 244 23.20 0.89 27.96
C GLU B 244 24.38 0.36 27.13
N GLY B 245 25.50 1.08 27.17
CA GLY B 245 26.66 0.75 26.32
C GLY B 245 26.52 1.10 24.85
N GLY B 246 25.41 1.76 24.50
CA GLY B 246 25.22 2.21 23.12
C GLY B 246 25.98 3.48 22.86
N ILE B 247 26.11 3.86 21.58
CA ILE B 247 26.71 5.14 21.24
C ILE B 247 25.69 6.18 20.74
N HIS B 248 24.47 5.75 20.42
CA HIS B 248 23.48 6.71 19.89
C HIS B 248 22.66 7.33 21.01
N THR B 249 22.42 8.62 20.89
CA THR B 249 21.65 9.38 21.86
C THR B 249 20.53 10.06 21.08
N ALA B 250 19.75 10.87 21.77
CA ALA B 250 18.70 11.68 21.14
C ALA B 250 19.34 12.57 20.06
N GLY B 251 20.59 13.00 20.31
CA GLY B 251 21.23 13.94 19.41
C GLY B 251 21.87 13.31 18.17
N THR B 252 21.83 11.98 18.09
CA THR B 252 22.38 11.29 16.91
C THR B 252 21.40 10.24 16.38
N SER B 253 20.12 10.49 16.61
CA SER B 253 19.04 9.63 16.12
C SER B 253 17.99 10.60 15.56
N SER B 254 17.12 10.11 14.69
CA SER B 254 16.05 10.95 14.13
C SER B 254 15.12 11.42 15.24
N GLN B 255 14.42 12.52 15.01
CA GLN B 255 13.43 12.99 15.99
C GLN B 255 12.03 12.46 15.62
N ILE B 256 11.23 12.17 16.64
CA ILE B 256 9.82 11.85 16.43
C ILE B 256 9.05 13.12 16.04
N SER B 257 8.31 13.03 14.93
CA SER B 257 7.89 14.21 14.20
C SER B 257 6.52 14.07 13.59
N ASP B 258 5.92 15.20 13.23
CA ASP B 258 4.61 15.21 12.50
C ASP B 258 4.94 15.90 11.16
N GLY B 259 4.45 15.38 10.04
CA GLY B 259 4.67 16.05 8.75
C GLY B 259 3.95 15.33 7.64
N ALA B 260 3.81 15.99 6.50
CA ALA B 260 3.32 15.31 5.30
C ALA B 260 4.01 15.94 4.12
N ALA B 261 4.12 15.19 3.02
CA ALA B 261 4.75 15.71 1.81
C ALA B 261 4.03 15.07 0.61
N ALA B 262 4.04 15.76 -0.53
CA ALA B 262 3.33 15.27 -1.70
C ALA B 262 4.04 15.69 -2.97
N VAL B 263 4.01 14.80 -3.97
CA VAL B 263 4.71 15.03 -5.23
C VAL B 263 3.68 14.79 -6.34
N LEU B 264 3.51 15.78 -7.22
CA LEU B 264 2.58 15.68 -8.34
C LEU B 264 3.33 15.16 -9.58
N TRP B 265 2.84 14.05 -10.13
CA TRP B 265 3.45 13.35 -11.27
C TRP B 265 2.49 13.44 -12.46
N MET B 266 3.06 13.52 -13.65
CA MET B 266 2.21 13.44 -14.86
C MET B 266 2.95 12.67 -15.93
N ASP B 267 2.22 12.12 -16.89
CA ASP B 267 2.83 11.79 -18.15
C ASP B 267 3.36 13.06 -18.82
N GLU B 268 4.53 12.97 -19.44
CA GLU B 268 5.21 14.15 -19.99
C GLU B 268 4.38 14.94 -20.99
N ALA B 269 3.64 14.28 -21.86
CA ALA B 269 2.88 15.03 -22.87
C ALA B 269 1.70 15.77 -22.23
N VAL B 270 1.29 15.34 -21.05
CA VAL B 270 0.24 16.03 -20.30
C VAL B 270 0.78 17.22 -19.51
N ALA B 271 1.97 17.05 -18.96
CA ALA B 271 2.72 18.20 -18.45
C ALA B 271 2.92 19.28 -19.53
N ARG B 272 3.26 18.86 -20.75
CA ARG B 272 3.56 19.81 -21.81
C ARG B 272 2.27 20.54 -22.19
N ALA B 273 1.16 19.81 -22.18
CA ALA B 273 -0.13 20.43 -22.54
C ALA B 273 -0.49 21.56 -21.58
N HIS B 274 -0.25 21.33 -20.29
CA HIS B 274 -0.50 22.35 -19.26
C HIS B 274 0.62 23.40 -19.15
N GLY B 275 1.69 23.24 -19.93
CA GLY B 275 2.80 24.20 -19.91
C GLY B 275 3.63 24.06 -18.64
N LEU B 276 3.52 22.92 -17.97
CA LEU B 276 4.27 22.67 -16.76
C LEU B 276 5.65 22.09 -17.10
N THR B 277 6.72 22.73 -16.65
CA THR B 277 8.03 22.18 -16.97
C THR B 277 8.19 20.86 -16.26
N PRO B 278 8.48 19.79 -17.00
CA PRO B 278 8.92 18.54 -16.39
C PRO B 278 10.22 18.74 -15.62
N ARG B 279 10.21 18.48 -14.32
CA ARG B 279 11.32 18.92 -13.50
C ARG B 279 12.34 17.82 -13.24
N ALA B 280 11.84 16.58 -13.23
CA ALA B 280 12.65 15.38 -12.94
C ALA B 280 11.93 14.12 -13.41
N ARG B 281 12.70 13.08 -13.68
CA ARG B 281 12.14 11.75 -13.88
C ARG B 281 12.96 10.75 -13.08
N ILE B 282 12.44 9.54 -12.96
CA ILE B 282 13.19 8.45 -12.34
C ILE B 282 14.12 7.78 -13.35
N VAL B 283 15.40 7.73 -13.01
CA VAL B 283 16.36 6.93 -13.75
C VAL B 283 16.25 5.46 -13.34
N ALA B 284 16.25 5.18 -12.03
CA ALA B 284 16.15 3.81 -11.55
C ALA B 284 15.48 3.88 -10.19
N GLN B 285 14.64 2.88 -9.89
CA GLN B 285 13.98 2.76 -8.58
C GLN B 285 14.12 1.33 -8.08
N ALA B 286 14.10 1.17 -6.76
CA ALA B 286 14.03 -0.18 -6.19
C ALA B 286 13.47 -0.19 -4.75
N LEU B 287 13.01 -1.37 -4.35
CA LEU B 287 12.78 -1.68 -2.94
C LEU B 287 13.29 -3.09 -2.67
N VAL B 288 14.37 -3.19 -1.89
CA VAL B 288 15.05 -4.47 -1.71
C VAL B 288 14.99 -4.85 -0.22
N GLY B 289 15.12 -6.14 0.06
CA GLY B 289 15.33 -6.60 1.42
C GLY B 289 16.80 -6.47 1.84
N ALA B 290 17.01 -6.32 3.15
CA ALA B 290 18.35 -6.13 3.72
C ALA B 290 18.62 -7.31 4.62
N GLU B 291 19.83 -7.35 5.20
CA GLU B 291 20.19 -8.36 6.18
C GLU B 291 19.43 -8.13 7.47
N PRO B 292 18.68 -9.14 7.93
CA PRO B 292 17.88 -9.01 9.14
C PRO B 292 18.71 -8.74 10.39
N TYR B 293 19.81 -9.45 10.54
CA TYR B 293 20.70 -9.20 11.70
C TYR B 293 21.07 -7.73 11.93
N TYR B 294 21.40 -7.00 10.86
CA TYR B 294 21.73 -5.58 10.97
C TYR B 294 20.47 -4.72 10.85
N HIS B 295 19.48 -5.22 10.10
CA HIS B 295 18.13 -4.62 10.04
C HIS B 295 18.13 -3.37 9.17
N LEU B 296 18.92 -2.37 9.56
CA LEU B 296 18.80 -1.04 8.95
C LEU B 296 20.04 -0.69 8.13
N ASP B 297 20.79 -1.67 7.66
CA ASP B 297 21.93 -1.39 6.79
C ASP B 297 21.57 -1.54 5.31
N GLY B 298 20.25 -1.60 5.04
CA GLY B 298 19.76 -1.77 3.68
C GLY B 298 20.08 -0.73 2.63
N PRO B 299 20.36 0.53 3.03
CA PRO B 299 20.75 1.53 2.02
C PRO B 299 21.99 1.11 1.21
N VAL B 300 22.89 0.32 1.82
CA VAL B 300 23.98 -0.28 1.08
C VAL B 300 23.49 -1.09 -0.11
N GLN B 301 22.41 -1.85 0.06
CA GLN B 301 21.91 -2.72 -1.01
C GLN B 301 21.02 -1.94 -2.02
N SER B 302 20.17 -1.04 -1.54
CA SER B 302 19.28 -0.36 -2.49
C SER B 302 20.10 0.59 -3.34
N THR B 303 21.15 1.16 -2.76
CA THR B 303 22.02 2.02 -3.52
C THR B 303 22.68 1.17 -4.62
N ALA B 304 23.15 -0.02 -4.28
CA ALA B 304 23.91 -0.80 -5.26
C ALA B 304 22.95 -1.24 -6.37
N LYS B 305 21.69 -1.50 -5.97
CA LYS B 305 20.71 -1.94 -6.94
C LYS B 305 20.32 -0.82 -7.91
N VAL B 306 20.15 0.42 -7.43
CA VAL B 306 19.84 1.48 -8.37
C VAL B 306 21.00 1.94 -9.27
N LEU B 307 22.21 1.91 -8.71
CA LEU B 307 23.40 2.22 -9.48
C LEU B 307 23.58 1.20 -10.63
N GLU B 308 23.37 -0.08 -10.33
CA GLU B 308 23.44 -1.12 -11.37
C GLU B 308 22.42 -0.87 -12.48
N LYS B 309 21.16 -0.64 -12.10
CA LYS B 309 20.10 -0.42 -13.07
C LYS B 309 20.34 0.85 -13.88
N ALA B 310 20.81 1.92 -13.24
CA ALA B 310 21.10 3.14 -13.96
C ALA B 310 22.39 3.10 -14.79
N GLY B 311 23.20 2.07 -14.60
CA GLY B 311 24.55 2.03 -15.20
C GLY B 311 25.47 3.12 -14.69
N MET B 312 25.38 3.43 -13.39
CA MET B 312 26.06 4.58 -12.81
C MET B 312 26.98 4.17 -11.66
N LYS B 313 27.78 5.12 -11.18
CA LYS B 313 28.54 4.90 -9.95
C LYS B 313 28.28 6.07 -9.04
N ILE B 314 28.77 5.98 -7.81
CA ILE B 314 28.39 6.93 -6.78
C ILE B 314 28.94 8.32 -7.14
N GLY B 315 30.11 8.34 -7.78
CA GLY B 315 30.67 9.57 -8.41
C GLY B 315 29.77 10.37 -9.37
N ASP B 316 28.90 9.67 -10.08
CA ASP B 316 27.95 10.33 -11.01
C ASP B 316 26.89 11.18 -10.28
N ILE B 317 26.61 10.86 -9.02
CA ILE B 317 25.48 11.44 -8.31
C ILE B 317 25.87 12.79 -7.71
N ASP B 318 25.03 13.81 -7.91
CA ASP B 318 25.40 15.14 -7.47
C ASP B 318 24.99 15.42 -6.01
N ILE B 319 23.86 14.86 -5.62
CA ILE B 319 23.21 15.13 -4.32
C ILE B 319 22.77 13.75 -3.81
N VAL B 320 23.11 13.41 -2.56
CA VAL B 320 22.47 12.25 -1.91
C VAL B 320 21.57 12.67 -0.73
N GLU B 321 20.37 12.11 -0.68
CA GLU B 321 19.56 12.17 0.53
C GLU B 321 19.40 10.76 1.11
N ILE B 322 20.05 10.51 2.24
CA ILE B 322 19.98 9.20 2.89
C ILE B 322 19.45 9.38 4.29
N ASN B 323 18.28 8.81 4.57
CA ASN B 323 17.62 9.17 5.80
C ASN B 323 18.51 8.91 7.03
N GLU B 324 18.52 9.88 7.95
CA GLU B 324 19.29 9.78 9.17
C GLU B 324 18.47 9.19 10.35
N ALA B 325 17.97 7.97 10.18
CA ALA B 325 17.29 7.25 11.28
C ALA B 325 18.20 7.14 12.47
N PHE B 326 19.47 6.81 12.17
CA PHE B 326 20.54 6.82 13.16
C PHE B 326 21.83 7.24 12.44
N ALA B 327 22.70 7.96 13.13
CA ALA B 327 24.01 8.32 12.55
C ALA B 327 24.76 7.13 11.97
N SER B 328 24.80 6.01 12.70
CA SER B 328 25.57 4.84 12.22
C SER B 328 25.04 4.30 10.86
N VAL B 329 23.74 4.43 10.58
CA VAL B 329 23.24 3.96 9.31
C VAL B 329 23.90 4.70 8.15
N VAL B 330 23.96 6.02 8.25
CA VAL B 330 24.60 6.86 7.22
C VAL B 330 26.11 6.64 7.15
N LEU B 331 26.75 6.57 8.31
CA LEU B 331 28.20 6.41 8.29
C LEU B 331 28.59 5.02 7.78
N SER B 332 27.80 4.00 8.11
CA SER B 332 28.02 2.65 7.54
C SER B 332 27.95 2.73 6.01
N TRP B 333 26.79 3.17 5.50
CA TRP B 333 26.62 3.41 4.07
C TRP B 333 27.84 4.11 3.41
N ALA B 334 28.29 5.20 4.02
CA ALA B 334 29.35 6.00 3.44
C ALA B 334 30.70 5.24 3.44
N ARG B 335 30.96 4.43 4.46
CA ARG B 335 32.22 3.69 4.46
C ARG B 335 32.19 2.60 3.39
N VAL B 336 31.00 2.09 3.05
CA VAL B 336 30.95 1.13 1.95
C VAL B 336 31.04 1.77 0.56
N HIS B 337 30.28 2.84 0.34
CA HIS B 337 30.05 3.37 -0.99
C HIS B 337 30.96 4.55 -1.24
N GLU B 338 31.56 5.06 -0.16
CA GLU B 338 32.60 6.08 -0.25
C GLU B 338 32.23 7.33 -1.09
N PRO B 339 31.13 8.02 -0.70
CA PRO B 339 30.74 9.27 -1.32
C PRO B 339 31.66 10.39 -0.89
N ASP B 340 31.58 11.51 -1.60
CA ASP B 340 32.00 12.79 -1.08
C ASP B 340 30.92 13.32 -0.15
N MET B 341 31.22 13.34 1.15
CA MET B 341 30.23 13.73 2.17
C MET B 341 29.72 15.17 2.07
N ASP B 342 30.44 16.04 1.34
CA ASP B 342 29.89 17.36 1.09
C ASP B 342 28.65 17.25 0.19
N ARG B 343 28.41 16.07 -0.41
CA ARG B 343 27.24 15.86 -1.29
C ARG B 343 26.09 15.18 -0.60
N VAL B 344 26.29 14.82 0.66
CA VAL B 344 25.36 13.93 1.36
C VAL B 344 24.59 14.70 2.44
N ASN B 345 23.28 14.77 2.26
CA ASN B 345 22.38 15.44 3.23
C ASN B 345 22.78 16.89 3.42
N VAL B 346 22.88 17.61 2.31
CA VAL B 346 23.58 18.89 2.30
C VAL B 346 22.81 19.93 3.11
N ASN B 347 21.51 19.72 3.25
CA ASN B 347 20.66 20.68 3.96
C ASN B 347 20.22 20.10 5.28
N GLY B 348 20.97 19.08 5.74
CA GLY B 348 20.71 18.45 7.01
C GLY B 348 19.77 17.29 6.77
N GLY B 349 19.52 16.51 7.80
CA GLY B 349 18.62 15.35 7.69
C GLY B 349 17.83 15.18 8.96
N ALA B 350 17.29 13.98 9.16
CA ALA B 350 16.26 13.68 10.12
C ALA B 350 16.70 13.90 11.58
N ILE B 351 17.98 13.80 11.83
CA ILE B 351 18.51 14.11 13.17
C ILE B 351 18.16 15.53 13.55
N ALA B 352 18.28 16.45 12.61
CA ALA B 352 18.01 17.84 12.93
C ALA B 352 16.56 18.17 12.54
N LEU B 353 16.10 17.63 11.42
CA LEU B 353 14.85 18.08 10.77
C LEU B 353 13.62 17.33 11.25
N GLY B 354 13.83 16.11 11.75
CA GLY B 354 12.74 15.22 12.15
C GLY B 354 12.47 14.11 11.14
N HIS B 355 11.77 13.06 11.61
CA HIS B 355 11.46 11.89 10.78
C HIS B 355 10.01 11.44 11.01
N PRO B 356 9.04 12.17 10.42
CA PRO B 356 7.69 11.63 10.44
C PRO B 356 7.59 10.43 9.52
N VAL B 357 7.65 9.22 10.06
CA VAL B 357 8.12 8.06 9.29
C VAL B 357 7.52 7.90 7.87
N GLY B 358 6.19 7.82 7.77
CA GLY B 358 5.59 7.61 6.48
C GLY B 358 5.73 8.76 5.49
N CYS B 359 6.01 9.95 5.99
CA CYS B 359 6.17 11.11 5.16
C CYS B 359 7.57 11.16 4.51
N THR B 360 8.58 10.68 5.23
CA THR B 360 9.95 11.09 4.95
C THR B 360 10.40 10.78 3.51
N GLY B 361 10.00 9.62 2.99
CA GLY B 361 10.39 9.24 1.64
C GLY B 361 9.92 10.17 0.53
N SER B 362 8.72 10.74 0.66
CA SER B 362 8.31 11.83 -0.20
C SER B 362 9.00 13.14 0.15
N ARG B 363 9.24 13.37 1.43
CA ARG B 363 9.91 14.58 1.85
C ARG B 363 11.33 14.60 1.21
N LEU B 364 12.02 13.47 1.22
CA LEU B 364 13.42 13.42 0.69
C LEU B 364 13.45 13.67 -0.81
N ILE B 365 12.48 13.11 -1.54
CA ILE B 365 12.42 13.35 -2.97
C ILE B 365 12.18 14.82 -3.25
N THR B 366 11.33 15.44 -2.44
CA THR B 366 11.06 16.88 -2.54
C THR B 366 12.35 17.66 -2.27
N THR B 367 13.00 17.33 -1.16
CA THR B 367 14.19 18.07 -0.75
C THR B 367 15.30 17.90 -1.79
N ALA B 368 15.52 16.66 -2.25
CA ALA B 368 16.58 16.40 -3.25
C ALA B 368 16.35 17.22 -4.53
N LEU B 369 15.13 17.15 -5.04
CA LEU B 369 14.81 17.87 -6.28
C LEU B 369 15.11 19.36 -6.14
N HIS B 370 14.61 19.98 -5.08
CA HIS B 370 14.79 21.41 -4.97
C HIS B 370 16.27 21.76 -4.87
N GLU B 371 17.07 20.89 -4.27
CA GLU B 371 18.52 21.23 -4.12
C GLU B 371 19.25 21.03 -5.44
N LEU B 372 18.79 20.09 -6.26
CA LEU B 372 19.28 20.00 -7.64
C LEU B 372 18.98 21.30 -8.37
N GLU B 373 17.72 21.75 -8.25
CA GLU B 373 17.33 22.98 -8.91
C GLU B 373 18.12 24.19 -8.42
N ARG B 374 18.32 24.29 -7.11
CA ARG B 374 18.99 25.46 -6.53
C ARG B 374 20.47 25.51 -7.03
N THR B 375 21.09 24.35 -7.23
CA THR B 375 22.52 24.32 -7.56
C THR B 375 22.70 24.05 -9.05
N ASP B 376 21.59 23.95 -9.78
CA ASP B 376 21.64 23.61 -11.18
C ASP B 376 22.48 22.36 -11.40
N GLN B 377 22.14 21.27 -10.70
CA GLN B 377 22.80 19.99 -10.92
C GLN B 377 21.82 18.95 -11.43
N SER B 378 22.33 17.78 -11.78
CA SER B 378 21.58 16.84 -12.61
C SER B 378 21.02 15.64 -11.87
N LEU B 379 21.84 14.99 -11.04
CA LEU B 379 21.46 13.70 -10.47
C LEU B 379 21.38 13.67 -8.96
N ALA B 380 20.36 13.01 -8.44
CA ALA B 380 20.28 12.73 -7.02
C ALA B 380 19.99 11.27 -6.78
N LEU B 381 20.39 10.86 -5.60
CA LEU B 381 20.12 9.51 -5.13
C LEU B 381 19.43 9.62 -3.79
N ILE B 382 18.28 8.98 -3.67
CA ILE B 382 17.55 8.96 -2.42
C ILE B 382 17.48 7.53 -1.88
N THR B 383 17.81 7.37 -0.61
CA THR B 383 17.90 6.03 -0.06
C THR B 383 17.59 5.98 1.43
N MET B 384 16.80 4.99 1.84
CA MET B 384 16.29 4.92 3.20
C MET B 384 16.39 3.52 3.72
N CYS B 385 16.62 3.40 5.01
CA CYS B 385 16.51 2.13 5.70
C CYS B 385 15.09 2.01 6.19
N ALA B 386 14.64 0.78 6.47
CA ALA B 386 13.23 0.59 6.81
C ALA B 386 13.00 -0.66 7.67
N GLY B 387 12.12 -0.52 8.66
CA GLY B 387 11.72 -1.67 9.46
C GLY B 387 11.29 -2.89 8.64
N GLY B 388 11.55 -4.08 9.15
CA GLY B 388 11.30 -5.32 8.38
C GLY B 388 12.52 -5.68 7.56
N ALA B 389 13.59 -4.94 7.78
CA ALA B 389 14.81 -5.10 6.99
C ALA B 389 14.50 -4.90 5.49
N LEU B 390 14.28 -3.66 5.11
CA LEU B 390 14.05 -3.32 3.71
C LEU B 390 14.80 -2.03 3.45
N SER B 391 14.82 -1.62 2.20
CA SER B 391 15.35 -0.32 1.88
C SER B 391 14.90 0.10 0.51
N THR B 392 14.63 1.39 0.36
CA THR B 392 14.13 1.95 -0.90
C THR B 392 15.26 2.78 -1.47
N GLY B 393 15.35 2.83 -2.79
CA GLY B 393 16.38 3.62 -3.48
C GLY B 393 15.78 4.21 -4.74
N THR B 394 16.11 5.47 -5.01
CA THR B 394 15.74 6.11 -6.26
C THR B 394 16.97 6.87 -6.71
N ILE B 395 17.18 6.86 -8.01
CA ILE B 395 17.95 7.93 -8.65
C ILE B 395 17.03 8.76 -9.54
N ILE B 396 17.03 10.07 -9.31
CA ILE B 396 16.22 10.97 -10.13
C ILE B 396 17.16 11.86 -10.92
N GLU B 397 16.70 12.28 -12.09
CA GLU B 397 17.47 13.19 -12.91
C GLU B 397 16.62 14.39 -13.23
N ARG B 398 17.21 15.58 -13.12
CA ARG B 398 16.55 16.79 -13.59
C ARG B 398 16.45 16.80 -15.10
N ILE B 399 15.34 17.30 -15.61
CA ILE B 399 15.10 17.43 -17.05
C ILE B 399 15.33 18.88 -17.44
N1A ACO C . -29.77 -20.36 4.76
C2A ACO C . -30.28 -20.46 5.99
N3A ACO C . -29.90 -19.68 7.02
C4A ACO C . -28.94 -18.75 6.85
C5A ACO C . -28.31 -18.58 5.53
C6A ACO C . -28.82 -19.45 4.45
N6A ACO C . -28.27 -19.41 3.20
N7A ACO C . -27.41 -17.58 5.65
C8A ACO C . -27.46 -17.14 6.94
N9A ACO C . -28.39 -17.82 7.64
C1B ACO C . -28.72 -17.63 9.09
C2B ACO C . -27.72 -18.36 9.99
O2B ACO C . -28.20 -19.66 10.32
C3B ACO C . -27.63 -17.46 11.21
O3B ACO C . -28.44 -17.98 12.27
P3B ACO C . -28.77 -17.08 13.56
O7A ACO C . -27.57 -17.29 14.47
O8A ACO C . -28.87 -15.67 12.99
O9A ACO C . -30.06 -17.64 14.09
C4B ACO C . -28.17 -16.10 10.78
O4B ACO C . -28.68 -16.25 9.45
C5B ACO C . -27.05 -15.07 10.79
O5B ACO C . -26.12 -15.41 9.76
P1A ACO C . -24.67 -16.02 10.11
O1A ACO C . -24.66 -16.46 11.54
O2A ACO C . -24.31 -17.00 9.02
O3A ACO C . -23.71 -14.74 9.95
P2A ACO C . -23.81 -13.49 10.96
O4A ACO C . -25.29 -13.26 11.25
O5A ACO C . -22.86 -13.71 12.12
O6A ACO C . -23.28 -12.27 10.06
CBP ACO C . -23.48 -10.30 8.72
CCP ACO C . -24.13 -11.61 9.14
CDP ACO C . -23.98 -9.19 9.63
CEP ACO C . -23.86 -9.98 7.28
CAP ACO C . -21.97 -10.50 8.83
OAP ACO C . -21.64 -11.67 8.09
C9P ACO C . -21.25 -9.34 8.20
O9P ACO C . -20.77 -8.47 8.90
N8P ACO C . -21.14 -9.37 6.87
C7P ACO C . -20.00 -8.84 6.14
C6P ACO C . -19.30 -7.70 6.86
C5P ACO C . -18.91 -6.65 5.85
O5P ACO C . -19.27 -5.49 5.99
N4P ACO C . -18.20 -7.07 4.79
C3P ACO C . -16.84 -6.65 4.53
C2P ACO C . -16.73 -5.58 3.45
S1P ACO C . -18.05 -5.67 2.27
C ACO C . -17.31 -4.82 1.00
O ACO C . -16.52 -5.37 0.24
CH3 ACO C . -17.62 -3.37 0.74
N1A COA D . -29.04 -20.34 3.81
C2A COA D . -29.89 -20.15 4.84
N3A COA D . -29.57 -19.46 5.95
C4A COA D . -28.34 -18.93 6.11
C5A COA D . -27.35 -19.09 5.04
C6A COA D . -27.79 -19.84 3.82
N6A COA D . -26.96 -20.04 2.76
N7A COA D . -26.25 -18.41 5.42
C8A COA D . -26.49 -17.90 6.66
N9A COA D . -27.74 -18.19 7.07
C1B COA D . -28.37 -17.77 8.35
C2B COA D . -28.54 -18.98 9.27
O2B COA D . -29.94 -19.25 9.45
C3B COA D . -27.93 -18.60 10.61
O3B COA D . -28.94 -18.65 11.63
P3B COA D . -30.49 -18.31 11.31
O7A COA D . -31.22 -18.71 12.58
O8A COA D . -30.49 -16.83 11.05
O9A COA D . -30.83 -19.17 10.12
C4B COA D . -27.42 -17.17 10.45
O4B COA D . -27.56 -16.84 9.06
C5B COA D . -25.95 -17.02 10.89
O5B COA D . -25.85 -16.96 12.32
P1A COA D . -25.22 -15.67 13.08
O1A COA D . -23.73 -15.87 13.23
O2A COA D . -26.06 -15.37 14.29
O3A COA D . -25.46 -14.48 12.02
P2A COA D . -24.20 -13.67 11.43
O4A COA D . -24.61 -13.12 10.08
O5A COA D . -22.98 -14.56 11.54
O6A COA D . -24.02 -12.46 12.46
CBP COA D . -22.87 -10.75 13.69
CCP COA D . -22.82 -11.69 12.50
CDP COA D . -24.32 -10.59 14.15
CEP COA D . -22.05 -11.32 14.83
CAP COA D . -22.31 -9.38 13.31
OAP COA D . -20.99 -9.27 13.84
C9P COA D . -22.24 -9.23 11.82
O9P COA D . -23.26 -9.31 11.14
N8P COA D . -21.04 -8.97 11.32
C7P COA D . -20.86 -8.44 9.98
C6P COA D . -20.27 -7.04 10.00
C5P COA D . -18.83 -7.07 9.56
O5P COA D . -18.01 -7.74 10.18
N4P COA D . -18.51 -6.26 8.56
C3P COA D . -19.07 -6.41 7.22
C2P COA D . -19.42 -5.07 6.61
S1P COA D . -18.49 -3.75 7.43
S SO4 E . 6.67 -25.52 -24.18
O1 SO4 E . 7.77 -26.18 -24.91
O2 SO4 E . 6.93 -25.64 -22.73
O3 SO4 E . 6.64 -24.10 -24.56
O4 SO4 E . 5.37 -26.18 -24.52
S SO4 F . 1.54 -23.52 6.98
O1 SO4 F . 2.45 -24.47 6.30
O2 SO4 F . 2.06 -22.14 6.81
O3 SO4 F . 1.51 -23.83 8.43
O4 SO4 F . 0.18 -23.63 6.40
C1 DIO G . -17.70 -23.01 13.72
C2 DIO G . -19.26 -23.23 11.94
C1' DIO G . -17.22 -21.70 13.12
C2' DIO G . -18.75 -21.93 11.34
O1 DIO G . -19.07 -23.21 13.36
O1' DIO G . -17.39 -21.74 11.70
C1 DIO H . 6.52 -19.97 -24.06
C2 DIO H . 8.04 -19.50 -25.82
C1' DIO H . 7.54 -20.85 -23.35
C2' DIO H . 9.08 -20.34 -25.09
O1 DIO H . 7.16 -18.95 -24.84
O1' DIO H . 8.44 -21.38 -24.34
C1 GOL I . -15.92 -30.16 10.45
O1 GOL I . -14.57 -30.23 10.93
C2 GOL I . -16.34 -28.70 10.32
O2 GOL I . -16.20 -28.05 11.58
C3 GOL I . -17.81 -28.62 9.89
O3 GOL I . -18.02 -29.37 8.68
C1 GOL J . 18.12 -16.91 0.68
O1 GOL J . 18.11 -17.09 -0.74
C2 GOL J . 18.43 -15.47 1.03
O2 GOL J . 17.57 -15.07 2.12
C3 GOL J . 18.20 -14.59 -0.20
O3 GOL J . 18.44 -13.19 0.06
C1 GOL K . -36.58 4.96 -9.35
O1 GOL K . -37.03 5.82 -8.30
C2 GOL K . -35.98 3.70 -8.75
O2 GOL K . -37.01 2.93 -8.11
C3 GOL K . -35.33 2.86 -9.86
O3 GOL K . -34.48 3.69 -10.66
C1 GOL L . -30.40 -11.57 -11.38
O1 GOL L . -30.71 -12.19 -10.11
C2 GOL L . -30.97 -12.31 -12.59
O2 GOL L . -32.23 -12.95 -12.26
C3 GOL L . -31.20 -11.33 -13.73
O3 GOL L . -31.31 -12.05 -14.97
N1A COA M . 21.46 19.67 21.30
N1A COA M . 20.74 18.14 23.54
C2A COA M . 21.45 19.67 22.64
C2A COA M . 19.99 17.91 24.63
N3A COA M . 20.73 18.80 23.37
N3A COA M . 18.96 17.04 24.67
C4A COA M . 19.97 17.84 22.78
C4A COA M . 18.63 16.32 23.57
C5A COA M . 19.94 17.78 21.31
C5A COA M . 19.39 16.53 22.33
C6A COA M . 20.76 18.78 20.58
C6A COA M . 20.49 17.53 22.37
N6A COA M . 20.74 18.82 19.22
N6A COA M . 21.25 17.79 21.29
N7A COA M . 19.14 16.73 21.00
N7A COA M . 18.85 15.71 21.41
C8A COA M . 18.67 16.22 22.15
C8A COA M . 17.82 15.06 22.01
N9A COA M . 19.16 16.88 23.21
N9A COA M . 17.71 15.40 23.31
C1B COA M . 18.88 16.55 24.64
C1B COA M . 16.67 14.94 24.26
C2B COA M . 17.85 17.50 25.23
C2B COA M . 15.83 16.16 24.64
O2B COA M . 18.44 18.20 26.33
O2B COA M . 15.43 16.06 26.01
C3B COA M . 16.74 16.63 25.77
C3B COA M . 14.61 16.04 23.76
O3B COA M . 16.51 16.97 27.14
O3B COA M . 13.47 16.62 24.39
P3B COA M . 16.13 18.49 27.54
P3B COA M . 12.78 17.89 23.66
O7A COA M . 15.58 18.37 28.94
O7A COA M . 11.36 17.87 24.19
O8A COA M . 17.46 19.22 27.47
O8A COA M . 12.91 17.55 22.19
O9A COA M . 15.14 18.92 26.49
O9A COA M . 13.62 19.06 24.12
C4B COA M . 17.23 15.19 25.64
C4B COA M . 14.44 14.54 23.58
O4B COA M . 18.34 15.23 24.73
O4B COA M . 15.77 14.01 23.65
C5B COA M . 16.15 14.28 25.10
C5B COA M . 13.76 14.20 22.25
O5B COA M . 15.51 14.92 23.99
O5B COA M . 12.65 13.34 22.49
P1A COA M . 14.04 14.48 23.53
P1A COA M . 11.13 13.85 22.43
O1A COA M . 13.60 15.43 22.43
O1A COA M . 11.02 15.02 21.48
O2A COA M . 13.17 14.30 24.75
O2A COA M . 10.62 14.00 23.84
O3A COA M . 14.30 13.03 22.89
O3A COA M . 10.38 12.59 21.77
P2A COA M . 13.57 11.75 23.52
P2A COA M . 10.30 11.19 22.58
O4A COA M . 12.11 12.09 23.64
O4A COA M . 8.90 10.64 22.43
O5A COA M . 14.33 11.29 24.73
O5A COA M . 10.87 11.41 23.97
O6A COA M . 13.72 10.64 22.37
O6A COA M . 11.32 10.23 21.78
CBP COA M . 14.72 9.13 20.83
CBP COA M . 12.46 8.13 21.26
CCP COA M . 14.96 10.33 21.75
CCP COA M . 11.70 8.96 22.30
CDP COA M . 15.96 8.88 19.98
CDP COA M . 13.87 7.84 21.76
CEP COA M . 14.46 7.89 21.68
CEP COA M . 11.72 6.82 21.04
CAP COA M . 13.52 9.43 19.94
CAP COA M . 12.55 8.90 19.94
OAP COA M . 13.76 10.57 19.11
OAP COA M . 12.89 10.26 20.19
C9P COA M . 13.21 8.24 19.08
C9P COA M . 13.57 8.28 19.04
O9P COA M . 12.77 7.24 19.62
O9P COA M . 14.77 8.43 19.27
N8P COA M . 13.55 8.29 17.79
N8P COA M . 13.14 7.53 18.03
C7P COA M . 13.28 7.20 16.86
C7P COA M . 11.76 7.11 17.92
C6P COA M . 14.52 6.43 16.39
C6P COA M . 11.59 5.61 17.80
C5P COA M . 14.61 6.27 14.87
C5P COA M . 12.01 5.16 16.41
O5P COA M . 15.53 6.83 14.29
O5P COA M . 12.33 3.99 16.24
N4P COA M . 13.76 5.48 14.22
N4P COA M . 12.01 6.08 15.45
C3P COA M . 14.13 4.87 12.92
C3P COA M . 11.03 6.11 14.38
C2P COA M . 13.12 5.05 11.80
C2P COA M . 11.55 5.65 13.02
S1P COA M . 13.78 4.45 10.20
S1P COA M . 10.85 4.04 12.56
S SO4 N . 18.27 4.25 -17.48
O1 SO4 N . 19.57 4.89 -17.82
O2 SO4 N . 18.24 3.92 -16.04
O3 SO4 N . 17.15 5.18 -17.79
O4 SO4 N . 18.11 3.00 -18.27
C1 DIO O . -13.85 20.06 -9.26
C2 DIO O . -11.81 19.64 -10.36
C1' DIO O . -13.11 20.74 -8.13
C2' DIO O . -11.07 20.16 -9.16
O1 DIO O . -13.03 19.08 -9.89
O1' DIO O . -11.83 21.21 -8.58
C1 DIO P . 5.69 28.82 14.17
C2 DIO P . 4.77 30.47 12.74
C1' DIO P . 6.71 28.44 13.09
C2' DIO P . 5.83 30.17 11.67
O1 DIO P . 5.36 30.21 14.01
O1' DIO P . 6.25 28.80 11.78
C1 DIO Q . 32.96 21.60 17.45
C2 DIO Q . 33.24 21.42 15.10
C1' DIO Q . 32.48 23.03 17.29
C2' DIO Q . 32.77 22.87 14.94
O1 DIO Q . 33.83 21.23 16.38
O1' DIO Q . 33.07 23.62 16.13
C1 DIO R . 8.98 32.03 0.84
C2 DIO R . 10.10 33.27 -0.92
C1' DIO R . 8.85 33.31 1.65
C2' DIO R . 9.85 34.55 -0.17
O1 DIO R . 9.10 32.33 -0.57
O1' DIO R . 9.81 34.28 1.23
C1 DIO S . 6.04 26.23 21.07
C2 DIO S . 6.44 28.10 19.66
C1' DIO S . 7.43 26.42 21.70
C2' DIO S . 7.85 28.23 20.24
O1 DIO S . 5.56 27.50 20.62
O1' DIO S . 8.30 26.98 20.72
C1 GOL T . -17.25 15.84 -6.55
O1 GOL T . -16.56 15.43 -5.35
C2 GOL T . -16.34 15.75 -7.76
O2 GOL T . -16.37 14.43 -8.37
C3 GOL T . -16.70 16.87 -8.73
O3 GOL T . -16.96 16.39 -10.05
C1 GOL U . 6.29 1.41 20.44
O1 GOL U . 7.46 2.25 20.40
C2 GOL U . 6.70 -0.05 20.52
O2 GOL U . 5.55 -0.84 20.89
C3 GOL U . 7.24 -0.53 19.18
O3 GOL U . 8.12 0.46 18.63
C1 GOL V . 33.36 9.20 5.73
O1 GOL V . 32.72 8.24 6.58
C2 GOL V . 33.82 8.56 4.42
O2 GOL V . 33.72 7.13 4.45
C3 GOL V . 32.99 9.10 3.26
O3 GOL V . 33.47 8.56 2.02
C1 GOL W . 31.14 12.77 8.65
O1 GOL W . 30.83 12.42 10.01
C2 GOL W . 32.45 12.13 8.19
O2 GOL W . 32.28 11.69 6.84
C3 GOL W . 33.60 13.15 8.21
O3 GOL W . 34.04 13.36 9.55
C1 GOL X . 30.56 26.03 4.36
O1 GOL X . 30.56 24.75 5.02
C2 GOL X . 29.20 26.26 3.72
O2 GOL X . 28.58 27.40 4.33
C3 GOL X . 29.35 26.48 2.22
O3 GOL X . 29.50 25.22 1.54
C1 GOL Y . 29.33 21.42 4.47
O1 GOL Y . 30.38 20.45 4.70
C2 GOL Y . 29.05 21.58 2.97
O2 GOL Y . 30.30 21.56 2.25
C3 GOL Y . 28.14 20.46 2.49
O3 GOL Y . 27.59 20.77 1.20
C1 GOL Z . 14.88 26.04 22.21
O1 GOL Z . 15.23 25.93 20.82
C2 GOL Z . 13.37 25.98 22.38
O2 GOL Z . 13.04 25.89 23.77
C3 GOL Z . 12.74 27.25 21.79
O3 GOL Z . 11.38 27.36 22.23
C1 GOL AA . 14.11 28.90 17.54
O1 GOL AA . 14.76 29.51 18.67
C2 GOL AA . 15.11 28.09 16.72
O2 GOL AA . 15.44 26.89 17.44
C3 GOL AA . 14.52 27.76 15.35
O3 GOL AA . 13.90 26.46 15.32
#